data_8J1R
#
_entry.id   8J1R
#
_cell.length_a   1.00
_cell.length_b   1.00
_cell.length_c   1.00
_cell.angle_alpha   90.00
_cell.angle_beta   90.00
_cell.angle_gamma   90.00
#
_symmetry.space_group_name_H-M   'P 1'
#
loop_
_entity.id
_entity.type
_entity.pdbx_description
1 polymer 'Ubiquitin fusion degradation protein 4'
2 polymer 'Ubiquitin-conjugating enzyme E2 4'
#
loop_
_entity_poly.entity_id
_entity_poly.type
_entity_poly.pdbx_seq_one_letter_code
_entity_poly.pdbx_strand_id
1 'polypeptide(L)'
;MSENNSHNLDEHESHSENSDYMMDTQVEDDYDEDGHVQGEYSYYPDEDEDEHMLSSVGSFEADDGEDDDNDYHHEDDSGL
LYGYHRTQNGSDEDRNEEEDGLERSHDNNEFGSNPLHLPDILETFAQRLEQRRQTSEGLGQHPVGRTLPEILSMIGGRME
RSAESSARNERISKLIENTGNASEDPYIAMESLKELSENILMMNQMVVDRIIPMETLIGNIAAILSDKILREELELQMQA
CRCMYNLFEVCPESISIAVDEHVIPILQGKLVEISYIDLAEQVLETVEYISRVHGRDILKTGQLSIYVQFFDFLTIHAQR
KAIAIVSNACSSIRTDDFKTIVEVLPTLKPIFSNATDQPILTRLVNAMYGICGALHGVDKFETLFSLDLIERIVQLVSIQ
DTPLENKLKCLDILTVLAMSSDVLSRELREKTDIVDMATRSFQHYSKSPNAGLHETLIYVPNSLLISISRFIVVLFPPED
ERILSADKYTGNSDRGVISNQEKFDSLVQCLIPILVEIYTNAADFDVRRYVLIALLRVVSCINNSTAKAINDQLIKLIGS
ILAQKETASNANGTYSSEAGTLLVGGLSLLDLICKKFSELFFPSIKREGIFDLVKDLSVDFNNIDLKEDGNENISLSDEE
GDLHSSIEECDEGDEEYDYEFTDMEIPDSVKPKKISIHIFRTLSLAYIKNKGVNLVNRVLSQMNVEQEAITEELHQIEGV
VSILENPSTPDKTEEDWKGIWSVLKKCIFHEDFDVSGFEFTSTGLASSITKRITSSTVSHFILAKSFLEVFEDCIDRFLE
ILQSALTRLENFSIVDCGLHDGGGVSSLAKEIKIKLVYDGDASKDNIGTDLSSTIVSVHCIASFTSLNEFLRHRMVRMRF
LNSLIPNLTSSSTEADREEEENCLDHMRKKNFDFFYDNEKVDMESTVFGVIFNTFVRRNRDLKTLWDDTHTIKFCKSLEG
NNRESEAAEEANEGKKLRDFYKKREFAQVDTGSSADILTLLDFLHSCGVKSDSFINSKLSAKLARQLDEPLVVASGALPD
WSLFLTRRFPFLFPFDTRMLFLQCTSFGYGRLIQLWKNKSKGSKDLRNDEALQQLGRITRRKLRISRKTIFATGLKILSK
YGSSPDVLEIEYQEEAGTGLGPTLEFYSVVSKYFARKSLNMWRCNSYSYRSEMDVDTTDDYITTLLFPEPLNPFSNNEKV
IELFGYLGTFVARSLLDNRILDFRFSKVFFELLHRMSTPNVTTVPSDVETCLLMIELVDPLLAKSLKYIVANKDDNMTLE
SLSLTFTVPGNDDIELIPGGCNKSLNSSNVEEYIHGVIDQILGKGIEKQLKAFIEGFSKVFSYERMLILFPDELVDIFGR
VEEDWSMATLYTNLNAEHGYTMDSSIIHDFISIISAFGKHERRLFLQFLTGSPKLPIGGFKSLNPKFTVVLKHAEDGLTA
DEYLPSVMTCANYLKLPKYTSKDIMRSRLCQAIEEGAGAFLLS
;
A
2 'polypeptide(L)'
;MSSSKRIAKELSDLERDPPTSSSAGPVGDDLYHWQASIMGPADSPYAGGVFFLSIHFPTDYPFKPPKISFTTKIYHPNIN
ANGNICLDILKDQWSPALTLSKVLLSISSLLTDANPDDPLVPEIAHIYKTDRPKYEATAREWTKKYAV
;
C
#
# COMPACT_ATOMS: atom_id res chain seq x y z
N ILE A 710 26.76 17.98 -36.52
CA ILE A 710 26.53 17.00 -35.47
C ILE A 710 27.60 17.16 -34.40
N THR A 711 28.62 17.96 -34.70
CA THR A 711 29.68 18.20 -33.72
C THR A 711 29.11 18.84 -32.46
N GLU A 712 28.20 19.79 -32.62
CA GLU A 712 27.58 20.43 -31.46
C GLU A 712 26.75 19.45 -30.63
N GLU A 713 26.30 18.35 -31.22
CA GLU A 713 25.54 17.34 -30.51
C GLU A 713 26.37 16.12 -30.14
N LEU A 714 27.66 16.11 -30.47
CA LEU A 714 28.56 15.03 -30.08
C LEU A 714 29.65 15.47 -29.12
N HIS A 715 30.44 16.49 -29.48
CA HIS A 715 31.57 16.88 -28.66
C HIS A 715 31.14 17.54 -27.35
N GLN A 716 30.01 18.27 -27.37
CA GLN A 716 29.53 18.90 -26.15
C GLN A 716 29.15 17.86 -25.10
N ILE A 717 28.76 16.66 -25.54
CA ILE A 717 28.45 15.60 -24.58
C ILE A 717 29.71 15.17 -23.85
N GLU A 718 30.88 15.24 -24.50
CA GLU A 718 32.13 14.98 -23.79
C GLU A 718 32.38 16.01 -22.70
N GLY A 719 32.10 17.29 -22.99
CA GLY A 719 32.23 18.31 -21.95
C GLY A 719 31.28 18.09 -20.80
N VAL A 720 30.04 17.71 -21.10
CA VAL A 720 29.07 17.39 -20.05
C VAL A 720 29.54 16.20 -19.23
N VAL A 721 30.11 15.19 -19.90
CA VAL A 721 30.65 14.03 -19.20
C VAL A 721 31.76 14.44 -18.25
N SER A 722 32.65 15.33 -18.73
CA SER A 722 33.70 15.85 -17.87
C SER A 722 33.11 16.59 -16.68
N ILE A 723 32.07 17.38 -16.89
CA ILE A 723 31.43 18.11 -15.80
C ILE A 723 30.88 17.15 -14.76
N LEU A 724 30.21 16.08 -15.22
CA LEU A 724 29.70 15.07 -14.29
C LEU A 724 30.84 14.37 -13.55
N GLU A 725 31.90 14.01 -14.28
CA GLU A 725 33.02 13.31 -13.63
C GLU A 725 33.83 14.25 -12.74
N ASN A 726 33.95 15.52 -13.11
CA ASN A 726 34.76 16.45 -12.33
C ASN A 726 34.14 16.67 -10.96
N PRO A 727 34.84 16.37 -9.87
CA PRO A 727 34.28 16.61 -8.53
C PRO A 727 34.20 18.08 -8.15
N SER A 728 34.75 18.98 -8.97
CA SER A 728 34.65 20.41 -8.69
C SER A 728 33.22 20.92 -8.80
N THR A 729 32.32 20.13 -9.36
CA THR A 729 30.93 20.52 -9.49
C THR A 729 30.21 20.30 -8.16
N PRO A 730 29.52 21.31 -7.63
CA PRO A 730 28.79 21.12 -6.37
C PRO A 730 27.64 20.14 -6.55
N ASP A 731 27.58 19.14 -5.65
CA ASP A 731 26.55 18.12 -5.71
C ASP A 731 26.04 17.76 -4.32
N LYS A 732 26.02 18.74 -3.40
CA LYS A 732 25.61 18.49 -2.04
C LYS A 732 24.17 18.92 -1.75
N THR A 733 23.81 20.15 -2.10
CA THR A 733 22.48 20.64 -1.83
C THR A 733 21.51 20.20 -2.94
N GLU A 734 20.21 20.33 -2.65
CA GLU A 734 19.21 20.01 -3.65
C GLU A 734 19.24 20.98 -4.82
N GLU A 735 19.60 22.24 -4.57
CA GLU A 735 19.66 23.23 -5.64
C GLU A 735 20.73 22.88 -6.67
N ASP A 736 21.91 22.46 -6.20
CA ASP A 736 22.97 22.10 -7.14
C ASP A 736 22.59 20.88 -7.96
N TRP A 737 21.94 19.89 -7.34
CA TRP A 737 21.50 18.73 -8.10
C TRP A 737 20.41 19.09 -9.09
N LYS A 738 19.50 20.00 -8.72
CA LYS A 738 18.52 20.48 -9.68
C LYS A 738 19.20 21.18 -10.85
N GLY A 739 20.23 21.97 -10.57
CA GLY A 739 20.95 22.64 -11.64
C GLY A 739 21.62 21.66 -12.59
N ILE A 740 22.24 20.62 -12.04
CA ILE A 740 22.90 19.66 -12.91
C ILE A 740 21.88 18.81 -13.66
N TRP A 741 20.73 18.51 -13.06
CA TRP A 741 19.67 17.85 -13.80
C TRP A 741 19.20 18.71 -14.95
N SER A 742 19.05 20.02 -14.72
CA SER A 742 18.60 20.92 -15.77
C SER A 742 19.61 21.00 -16.90
N VAL A 743 20.89 21.09 -16.59
CA VAL A 743 21.89 21.15 -17.67
C VAL A 743 21.96 19.81 -18.40
N LEU A 744 21.79 18.69 -17.69
CA LEU A 744 21.73 17.40 -18.36
C LEU A 744 20.56 17.33 -19.32
N LYS A 745 19.39 17.82 -18.90
CA LYS A 745 18.23 17.84 -19.78
C LYS A 745 18.46 18.75 -20.99
N LYS A 746 19.11 19.90 -20.77
CA LYS A 746 19.42 20.79 -21.87
C LYS A 746 20.32 20.12 -22.89
N CYS A 747 21.33 19.37 -22.42
CA CYS A 747 22.23 18.71 -23.35
C CYS A 747 21.56 17.54 -24.06
N ILE A 748 20.84 16.69 -23.30
CA ILE A 748 20.37 15.43 -23.86
C ILE A 748 19.24 15.67 -24.86
N PHE A 749 18.40 16.68 -24.62
CA PHE A 749 17.27 16.97 -25.50
C PHE A 749 17.62 18.18 -26.35
N HIS A 750 17.79 17.97 -27.65
CA HIS A 750 18.15 19.03 -28.57
C HIS A 750 16.89 19.73 -29.08
N GLU A 751 17.09 20.71 -29.96
CA GLU A 751 15.97 21.46 -30.53
C GLU A 751 15.31 20.74 -31.70
N ASP A 752 15.89 19.64 -32.19
CA ASP A 752 15.31 18.88 -33.28
C ASP A 752 14.87 17.49 -32.86
N PHE A 753 15.77 16.69 -32.29
CA PHE A 753 15.42 15.35 -31.87
C PHE A 753 16.31 14.93 -30.71
N ASP A 754 15.85 13.92 -29.98
CA ASP A 754 16.51 13.45 -28.77
C ASP A 754 17.79 12.70 -29.11
N VAL A 755 18.64 12.55 -28.09
CA VAL A 755 19.84 11.73 -28.23
C VAL A 755 19.41 10.28 -28.41
N SER A 756 19.95 9.64 -29.45
CA SER A 756 19.60 8.25 -29.72
C SER A 756 20.21 7.34 -28.66
N GLY A 757 19.68 6.11 -28.59
CA GLY A 757 20.04 5.22 -27.50
C GLY A 757 21.51 4.86 -27.48
N PHE A 758 22.06 4.51 -28.65
CA PHE A 758 23.45 4.09 -28.69
C PHE A 758 24.40 5.25 -28.45
N GLU A 759 24.02 6.46 -28.86
CA GLU A 759 24.88 7.62 -28.65
C GLU A 759 25.06 7.93 -27.17
N PHE A 760 24.10 7.55 -26.33
CA PHE A 760 24.13 7.91 -24.92
C PHE A 760 25.22 7.19 -24.15
N THR A 761 25.49 5.93 -24.47
CA THR A 761 26.50 5.16 -23.76
C THR A 761 27.86 5.19 -24.43
N SER A 762 27.92 5.47 -25.74
CA SER A 762 29.20 5.55 -26.42
C SER A 762 30.03 6.73 -25.94
N THR A 763 29.41 7.79 -25.43
CA THR A 763 30.12 8.94 -24.89
C THR A 763 30.33 8.83 -23.38
N GLY A 764 29.87 7.77 -22.75
CA GLY A 764 30.05 7.60 -21.33
C GLY A 764 29.15 8.44 -20.46
N LEU A 765 28.14 9.10 -21.04
CA LEU A 765 27.26 9.95 -20.24
C LEU A 765 26.50 9.14 -19.21
N ALA A 766 26.06 7.93 -19.57
CA ALA A 766 25.37 7.07 -18.63
C ALA A 766 26.21 6.82 -17.38
N SER A 767 27.46 6.41 -17.56
CA SER A 767 28.35 6.23 -16.42
C SER A 767 28.63 7.56 -15.73
N SER A 768 28.74 8.64 -16.50
CA SER A 768 29.08 9.94 -15.93
C SER A 768 28.04 10.36 -14.89
N ILE A 769 26.76 10.17 -15.20
CA ILE A 769 25.72 10.50 -14.23
C ILE A 769 25.47 9.38 -13.23
N THR A 770 25.73 8.12 -13.61
CA THR A 770 25.55 7.02 -12.67
C THR A 770 26.48 7.17 -11.47
N LYS A 771 27.74 7.52 -11.72
CA LYS A 771 28.68 7.67 -10.62
C LYS A 771 28.27 8.81 -9.70
N ARG A 772 27.81 9.93 -10.27
CA ARG A 772 27.39 11.05 -9.44
C ARG A 772 26.14 10.74 -8.62
N ILE A 773 25.22 9.93 -9.14
CA ILE A 773 24.06 9.55 -8.33
C ILE A 773 24.35 8.38 -7.40
N THR A 774 25.47 7.69 -7.57
CA THR A 774 25.82 6.61 -6.65
C THR A 774 26.90 6.98 -5.65
N SER A 775 27.69 8.03 -5.92
CA SER A 775 28.80 8.39 -5.04
C SER A 775 28.62 9.76 -4.41
N SER A 776 27.39 10.26 -4.33
CA SER A 776 27.14 11.51 -3.63
C SER A 776 26.57 11.23 -2.25
N THR A 777 26.76 12.17 -1.34
CA THR A 777 26.40 12.00 0.06
C THR A 777 25.12 12.74 0.44
N VAL A 778 24.13 12.74 -0.45
CA VAL A 778 22.88 13.43 -0.20
C VAL A 778 21.76 12.40 -0.07
N SER A 779 20.70 12.79 0.63
CA SER A 779 19.60 11.87 0.86
C SER A 779 18.87 11.55 -0.43
N HIS A 780 18.36 10.32 -0.51
CA HIS A 780 17.60 9.90 -1.68
C HIS A 780 16.36 10.77 -1.88
N PHE A 781 15.75 11.23 -0.80
CA PHE A 781 14.59 12.11 -0.91
C PHE A 781 14.96 13.39 -1.65
N ILE A 782 16.11 13.96 -1.31
CA ILE A 782 16.56 15.19 -1.94
C ILE A 782 16.77 14.98 -3.44
N LEU A 783 17.43 13.89 -3.82
CA LEU A 783 17.68 13.62 -5.22
C LEU A 783 16.38 13.39 -5.98
N ALA A 784 15.46 12.64 -5.39
CA ALA A 784 14.18 12.36 -6.05
C ALA A 784 13.40 13.66 -6.28
N LYS A 785 13.34 14.52 -5.26
CA LYS A 785 12.66 15.80 -5.42
C LYS A 785 13.33 16.65 -6.48
N SER A 786 14.68 16.70 -6.44
CA SER A 786 15.41 17.53 -7.39
C SER A 786 15.19 17.06 -8.82
N PHE A 787 15.16 15.74 -9.03
CA PHE A 787 14.94 15.22 -10.38
C PHE A 787 13.51 15.49 -10.84
N LEU A 788 12.53 15.16 -10.01
CA LEU A 788 11.14 15.30 -10.42
C LEU A 788 10.70 16.76 -10.53
N GLU A 789 11.47 17.70 -9.98
CA GLU A 789 11.11 19.09 -10.19
C GLU A 789 11.36 19.54 -11.63
N VAL A 790 12.20 18.83 -12.39
CA VAL A 790 12.56 19.21 -13.74
C VAL A 790 12.06 18.21 -14.78
N PHE A 791 12.14 16.92 -14.47
CA PHE A 791 11.82 15.87 -15.44
C PHE A 791 10.39 15.36 -15.32
N GLU A 792 9.54 15.99 -14.51
CA GLU A 792 8.19 15.48 -14.33
C GLU A 792 7.37 15.54 -15.61
N ASP A 793 7.66 16.49 -16.48
CA ASP A 793 6.95 16.65 -17.75
C ASP A 793 7.61 15.90 -18.90
N CYS A 794 8.74 15.24 -18.67
CA CYS A 794 9.45 14.53 -19.71
C CYS A 794 9.93 13.18 -19.21
N ILE A 795 9.07 12.46 -18.48
CA ILE A 795 9.46 11.16 -17.93
C ILE A 795 9.60 10.14 -19.05
N ASP A 796 8.64 10.10 -19.97
CA ASP A 796 8.74 9.16 -21.08
C ASP A 796 9.75 9.62 -22.12
N ARG A 797 9.89 10.94 -22.29
CA ARG A 797 10.88 11.45 -23.24
C ARG A 797 12.29 11.10 -22.81
N PHE A 798 12.52 10.95 -21.51
CA PHE A 798 13.80 10.49 -21.00
C PHE A 798 13.85 8.99 -20.80
N LEU A 799 12.70 8.33 -20.67
CA LEU A 799 12.66 6.88 -20.54
C LEU A 799 12.91 6.18 -21.86
N GLU A 800 12.47 6.77 -22.97
CA GLU A 800 12.71 6.17 -24.28
C GLU A 800 14.19 6.06 -24.57
N ILE A 801 14.97 7.08 -24.20
CA ILE A 801 16.41 7.05 -24.42
C ILE A 801 17.04 5.90 -23.67
N LEU A 802 16.72 5.77 -22.38
CA LEU A 802 17.31 4.72 -21.57
C LEU A 802 16.88 3.34 -22.04
N GLN A 803 15.61 3.19 -22.41
CA GLN A 803 15.15 1.90 -22.89
C GLN A 803 15.81 1.54 -24.21
N SER A 804 15.98 2.51 -25.10
CA SER A 804 16.69 2.25 -26.35
C SER A 804 18.13 1.86 -26.10
N ALA A 805 18.80 2.56 -25.18
CA ALA A 805 20.19 2.23 -24.89
C ALA A 805 20.30 0.82 -24.32
N LEU A 806 19.41 0.45 -23.41
CA LEU A 806 19.44 -0.89 -22.85
C LEU A 806 19.10 -1.93 -23.91
N THR A 807 18.18 -1.61 -24.80
CA THR A 807 17.86 -2.52 -25.91
C THR A 807 19.08 -2.76 -26.77
N ARG A 808 19.84 -1.70 -27.07
CA ARG A 808 21.04 -1.85 -27.87
C ARG A 808 22.10 -2.65 -27.13
N LEU A 809 22.29 -2.39 -25.84
CA LEU A 809 23.36 -3.00 -25.06
C LEU A 809 22.94 -4.29 -24.38
N GLU A 810 21.71 -4.74 -24.60
CA GLU A 810 21.28 -6.01 -24.03
C GLU A 810 22.03 -7.15 -24.68
N ASN A 811 22.58 -8.04 -23.85
CA ASN A 811 23.30 -9.21 -24.37
C ASN A 811 22.92 -10.48 -23.63
N PHE A 812 21.96 -10.43 -22.72
CA PHE A 812 21.55 -11.62 -21.98
C PHE A 812 20.99 -12.65 -22.95
N SER A 813 21.24 -13.92 -22.66
CA SER A 813 20.94 -15.01 -23.58
C SER A 813 19.78 -15.85 -23.08
N ILE A 814 18.89 -16.22 -23.99
CA ILE A 814 17.84 -17.19 -23.67
C ILE A 814 18.51 -18.54 -23.47
N VAL A 815 18.58 -18.99 -22.23
CA VAL A 815 19.22 -20.27 -21.92
C VAL A 815 18.13 -21.33 -22.11
N ASP A 816 17.98 -21.77 -23.35
CA ASP A 816 16.98 -22.74 -23.73
C ASP A 816 17.57 -24.14 -23.78
N CYS A 817 16.69 -25.12 -23.98
CA CYS A 817 17.08 -26.51 -24.07
C CYS A 817 17.60 -26.89 -25.45
N GLY A 818 18.12 -25.93 -26.20
CA GLY A 818 18.54 -26.20 -27.55
C GLY A 818 17.40 -26.28 -28.52
N LEU A 819 16.68 -25.17 -28.70
CA LEU A 819 15.50 -25.09 -29.55
C LEU A 819 14.58 -26.30 -29.37
N HIS A 820 14.61 -27.22 -30.34
CA HIS A 820 13.75 -28.40 -30.35
C HIS A 820 12.28 -27.99 -30.37
N ASP A 821 11.91 -27.30 -31.45
CA ASP A 821 10.59 -26.74 -31.78
C ASP A 821 10.27 -25.49 -30.96
N GLY A 822 11.12 -25.13 -30.00
CA GLY A 822 10.84 -23.99 -29.15
C GLY A 822 10.15 -24.39 -27.87
N GLY A 823 9.62 -23.40 -27.16
CA GLY A 823 8.91 -23.64 -25.92
C GLY A 823 7.43 -23.85 -26.11
N GLY A 824 7.06 -24.55 -27.18
CA GLY A 824 5.67 -24.74 -27.51
C GLY A 824 5.01 -25.84 -26.70
N VAL A 825 3.87 -26.32 -27.22
CA VAL A 825 3.14 -27.40 -26.59
C VAL A 825 3.98 -28.67 -26.55
N SER A 826 4.71 -28.95 -27.64
CA SER A 826 5.53 -30.15 -27.71
C SER A 826 6.72 -30.11 -26.76
N SER A 827 7.06 -28.97 -26.19
CA SER A 827 8.23 -28.83 -25.32
C SER A 827 7.97 -29.32 -23.92
N LEU A 828 6.90 -30.09 -23.70
CA LEU A 828 6.59 -30.56 -22.35
C LEU A 828 7.27 -31.89 -22.05
N ALA A 829 6.97 -32.92 -22.83
CA ALA A 829 7.45 -34.27 -22.58
C ALA A 829 8.67 -34.62 -23.44
N LYS A 830 9.47 -33.63 -23.82
CA LYS A 830 10.70 -33.90 -24.56
C LYS A 830 11.68 -34.58 -23.63
N GLU A 831 11.83 -35.89 -23.79
CA GLU A 831 12.66 -36.69 -22.91
C GLU A 831 14.12 -36.65 -23.34
N ILE A 832 15.01 -37.03 -22.42
CA ILE A 832 16.43 -37.02 -22.65
C ILE A 832 17.01 -38.38 -22.23
N LYS A 833 18.15 -38.72 -22.80
CA LYS A 833 18.81 -39.99 -22.50
C LYS A 833 19.88 -39.77 -21.45
N ILE A 834 19.85 -40.58 -20.40
CA ILE A 834 20.79 -40.50 -19.30
C ILE A 834 21.32 -41.90 -19.00
N LYS A 835 22.64 -42.02 -18.89
CA LYS A 835 23.30 -43.30 -18.63
C LYS A 835 24.00 -43.20 -17.27
N LEU A 836 23.38 -43.75 -16.24
CA LEU A 836 23.95 -43.72 -14.90
C LEU A 836 25.02 -44.80 -14.75
N VAL A 837 26.15 -44.41 -14.17
CA VAL A 837 27.26 -45.32 -13.91
C VAL A 837 27.75 -45.10 -12.49
N TYR A 838 27.81 -46.16 -11.69
CA TYR A 838 28.30 -46.05 -10.33
C TYR A 838 29.83 -45.98 -10.37
N ASP A 839 30.37 -44.84 -9.96
CA ASP A 839 31.82 -44.62 -9.97
C ASP A 839 32.35 -44.84 -8.56
N GLY A 840 32.59 -46.10 -8.23
CA GLY A 840 33.10 -46.46 -6.91
C GLY A 840 33.68 -47.85 -6.86
N SER A 852 26.55 -51.71 -11.87
CA SER A 852 26.97 -50.36 -11.48
C SER A 852 26.55 -49.34 -12.53
N SER A 853 26.14 -49.82 -13.70
CA SER A 853 25.77 -48.96 -14.82
C SER A 853 24.38 -49.33 -15.31
N THR A 854 23.58 -48.30 -15.63
CA THR A 854 22.28 -48.49 -16.24
C THR A 854 22.00 -47.34 -17.19
N ILE A 855 21.31 -47.62 -18.28
CA ILE A 855 20.93 -46.62 -19.27
C ILE A 855 19.40 -46.52 -19.25
N VAL A 856 18.89 -45.37 -18.86
CA VAL A 856 17.45 -45.16 -18.74
C VAL A 856 17.11 -43.82 -19.41
N SER A 857 16.05 -43.83 -20.22
CA SER A 857 15.53 -42.60 -20.81
C SER A 857 14.84 -41.81 -19.70
N VAL A 858 15.55 -40.85 -19.12
CA VAL A 858 15.15 -40.20 -17.89
C VAL A 858 14.38 -38.92 -18.23
N HIS A 859 13.23 -38.73 -17.58
CA HIS A 859 12.50 -37.48 -17.71
C HIS A 859 13.34 -36.32 -17.19
N CYS A 860 13.21 -35.16 -17.84
CA CYS A 860 14.02 -34.00 -17.51
C CYS A 860 13.68 -33.40 -16.16
N ILE A 861 12.59 -33.84 -15.53
CA ILE A 861 12.11 -33.22 -14.29
C ILE A 861 12.42 -34.05 -13.05
N ALA A 862 12.71 -35.34 -13.20
CA ALA A 862 12.90 -36.20 -12.04
C ALA A 862 14.16 -35.80 -11.28
N SER A 863 14.05 -35.65 -9.96
CA SER A 863 15.16 -35.22 -9.15
C SER A 863 16.03 -36.42 -8.74
N PHE A 864 17.22 -36.12 -8.23
CA PHE A 864 18.13 -37.15 -7.75
C PHE A 864 17.60 -37.85 -6.51
N THR A 865 16.50 -37.38 -5.94
CA THR A 865 15.75 -38.10 -4.92
C THR A 865 14.61 -38.89 -5.52
N SER A 866 13.83 -38.28 -6.41
CA SER A 866 12.73 -38.97 -7.06
C SER A 866 13.21 -39.99 -8.08
N LEU A 867 14.49 -39.93 -8.46
CA LEU A 867 15.07 -40.90 -9.38
C LEU A 867 16.13 -41.78 -8.72
N ASN A 868 17.15 -41.17 -8.13
CA ASN A 868 18.21 -41.92 -7.48
C ASN A 868 17.95 -42.05 -5.98
N GLU A 869 16.80 -42.64 -5.66
CA GLU A 869 16.34 -42.88 -4.30
C GLU A 869 16.66 -41.75 -3.33
N PHE A 912 24.08 -41.13 -1.11
CA PHE A 912 25.04 -41.25 -2.20
C PHE A 912 25.10 -39.96 -3.01
N ASP A 913 26.13 -39.17 -2.72
CA ASP A 913 26.29 -37.86 -3.33
C ASP A 913 26.65 -37.98 -4.81
N PHE A 914 26.50 -36.87 -5.53
CA PHE A 914 26.68 -36.85 -6.97
C PHE A 914 27.72 -35.81 -7.36
N PHE A 915 28.47 -36.12 -8.42
CA PHE A 915 29.47 -35.20 -8.98
C PHE A 915 29.42 -35.31 -10.49
N TYR A 916 29.08 -34.21 -11.16
CA TYR A 916 29.12 -34.15 -12.61
C TYR A 916 30.16 -33.13 -13.03
N ASP A 917 31.07 -33.56 -13.90
CA ASP A 917 32.22 -32.73 -14.30
C ASP A 917 33.02 -32.30 -13.08
N ASN A 918 33.18 -33.22 -12.14
CA ASN A 918 33.93 -33.00 -10.90
C ASN A 918 33.36 -31.82 -10.10
N GLU A 919 32.04 -31.71 -10.09
CA GLU A 919 31.34 -30.67 -9.34
C GLU A 919 30.30 -31.32 -8.45
N LYS A 920 30.30 -30.95 -7.17
CA LYS A 920 29.36 -31.51 -6.22
C LYS A 920 27.93 -31.11 -6.58
N VAL A 921 27.01 -32.07 -6.44
CA VAL A 921 25.62 -31.87 -6.81
C VAL A 921 24.77 -32.03 -5.55
N ASP A 922 23.89 -31.06 -5.32
CA ASP A 922 22.95 -31.17 -4.22
C ASP A 922 21.97 -32.32 -4.48
N MET A 923 21.65 -33.04 -3.41
CA MET A 923 20.74 -34.19 -3.54
C MET A 923 19.36 -33.76 -3.99
N GLU A 924 18.88 -32.60 -3.51
CA GLU A 924 17.53 -32.14 -3.82
C GLU A 924 17.36 -31.67 -5.26
N SER A 925 18.46 -31.47 -5.99
CA SER A 925 18.34 -30.95 -7.35
C SER A 925 17.84 -32.03 -8.30
N THR A 926 17.53 -31.62 -9.52
CA THR A 926 17.06 -32.52 -10.56
C THR A 926 18.21 -32.98 -11.44
N VAL A 927 17.91 -33.87 -12.39
CA VAL A 927 18.93 -34.35 -13.31
C VAL A 927 19.45 -33.21 -14.17
N PHE A 928 18.52 -32.44 -14.76
CA PHE A 928 18.90 -31.34 -15.64
C PHE A 928 19.65 -30.26 -14.87
N GLY A 929 19.24 -29.97 -13.63
CA GLY A 929 19.71 -28.78 -12.95
C GLY A 929 21.21 -28.71 -12.80
N VAL A 930 21.89 -29.85 -12.85
CA VAL A 930 23.34 -29.88 -12.76
C VAL A 930 23.99 -29.96 -14.14
N ILE A 931 23.50 -30.84 -15.00
CA ILE A 931 24.13 -31.05 -16.30
C ILE A 931 24.03 -29.79 -17.15
N PHE A 932 22.84 -29.16 -17.17
CA PHE A 932 22.64 -27.96 -17.96
C PHE A 932 23.57 -26.84 -17.50
N ASN A 933 23.67 -26.62 -16.19
CA ASN A 933 24.56 -25.58 -15.69
C ASN A 933 26.01 -25.91 -15.99
N THR A 934 26.37 -27.20 -15.89
CA THR A 934 27.72 -27.61 -16.25
C THR A 934 28.05 -27.25 -17.69
N PHE A 935 27.12 -27.52 -18.61
CA PHE A 935 27.38 -27.24 -20.01
C PHE A 935 27.37 -25.75 -20.30
N VAL A 936 26.51 -24.99 -19.63
CA VAL A 936 26.42 -23.54 -19.90
C VAL A 936 27.65 -22.82 -19.37
N ARG A 937 28.07 -23.14 -18.14
CA ARG A 937 29.12 -22.38 -17.47
C ARG A 937 30.46 -22.44 -18.20
N ARG A 938 30.71 -23.47 -18.99
CA ARG A 938 31.93 -23.58 -19.78
C ARG A 938 31.72 -23.17 -21.22
N ASN A 939 30.57 -22.57 -21.55
CA ASN A 939 30.25 -22.12 -22.90
C ASN A 939 30.34 -23.27 -23.91
N ARG A 940 29.89 -24.44 -23.49
CA ARG A 940 29.78 -25.55 -24.43
C ARG A 940 28.60 -25.30 -25.37
N ASP A 941 28.48 -26.19 -26.36
CA ASP A 941 27.41 -26.06 -27.33
C ASP A 941 26.05 -26.24 -26.67
N LEU A 942 25.07 -25.45 -27.11
CA LEU A 942 23.72 -25.49 -26.58
C LEU A 942 22.83 -26.49 -27.30
N LYS A 943 23.38 -27.27 -28.23
CA LYS A 943 22.60 -28.25 -28.97
C LYS A 943 23.03 -29.68 -28.72
N THR A 944 24.19 -29.90 -28.10
CA THR A 944 24.69 -31.25 -27.87
C THR A 944 24.00 -31.95 -26.71
N LEU A 945 23.17 -31.24 -25.95
CA LEU A 945 22.55 -31.84 -24.77
C LEU A 945 21.66 -33.02 -25.14
N TRP A 946 20.83 -32.87 -26.17
CA TRP A 946 20.04 -34.01 -26.64
C TRP A 946 20.89 -35.03 -27.39
N ASP A 947 22.14 -34.67 -27.72
CA ASP A 947 23.03 -35.53 -28.48
C ASP A 947 23.94 -36.37 -27.60
N ASP A 948 24.49 -35.78 -26.55
CA ASP A 948 25.39 -36.50 -25.65
C ASP A 948 24.59 -37.31 -24.64
N THR A 949 24.96 -38.57 -24.46
CA THR A 949 24.41 -39.40 -23.40
C THR A 949 25.21 -39.11 -22.14
N HIS A 950 24.76 -38.12 -21.37
CA HIS A 950 25.53 -37.63 -20.25
C HIS A 950 25.57 -38.67 -19.14
N THR A 951 26.78 -39.08 -18.76
CA THR A 951 27.00 -40.14 -17.78
C THR A 951 27.49 -39.54 -16.48
N ILE A 952 26.86 -39.92 -15.38
CA ILE A 952 27.10 -39.32 -14.08
C ILE A 952 28.01 -40.23 -13.27
N LYS A 953 28.99 -39.64 -12.60
CA LYS A 953 29.88 -40.35 -11.69
C LYS A 953 29.48 -40.01 -10.25
N PHE A 954 29.30 -41.04 -9.43
CA PHE A 954 28.84 -40.85 -8.07
C PHE A 954 29.37 -41.98 -7.21
N CYS A 955 29.35 -41.74 -5.89
CA CYS A 955 29.78 -42.75 -4.94
C CYS A 955 28.74 -42.94 -3.83
N GLU A 973 5.95 -36.01 6.29
CA GLU A 973 5.72 -34.70 5.70
C GLU A 973 6.14 -34.69 4.24
N GLY A 974 5.35 -34.01 3.40
CA GLY A 974 5.69 -33.89 2.00
C GLY A 974 6.78 -32.88 1.76
N LYS A 975 7.97 -33.34 1.43
CA LYS A 975 9.08 -32.43 1.18
C LYS A 975 8.78 -31.53 0.00
N LYS A 976 9.15 -30.25 0.12
CA LYS A 976 8.85 -29.25 -0.88
C LYS A 976 10.08 -29.02 -1.75
N LEU A 977 9.91 -29.17 -3.06
CA LEU A 977 11.00 -28.96 -4.00
C LEU A 977 11.11 -27.49 -4.40
N ARG A 978 11.15 -26.62 -3.40
CA ARG A 978 11.27 -25.19 -3.60
C ARG A 978 12.71 -24.71 -3.44
N ASP A 979 13.66 -25.63 -3.34
CA ASP A 979 15.06 -25.30 -3.20
C ASP A 979 15.69 -24.85 -4.52
N PHE A 980 14.88 -24.62 -5.54
CA PHE A 980 15.39 -24.27 -6.86
C PHE A 980 15.83 -22.82 -6.96
N TYR A 981 15.72 -22.07 -5.87
CA TYR A 981 16.37 -20.77 -5.78
C TYR A 981 17.03 -20.50 -4.44
N LYS A 982 16.79 -21.34 -3.42
CA LYS A 982 17.30 -21.06 -2.09
C LYS A 982 18.83 -21.04 -2.07
N LYS A 983 19.47 -21.78 -2.96
CA LYS A 983 20.92 -21.84 -3.03
C LYS A 983 21.50 -20.83 -4.02
N ARG A 984 20.66 -20.07 -4.71
CA ARG A 984 21.12 -19.11 -5.72
C ARG A 984 20.54 -17.73 -5.46
N GLU A 985 20.24 -17.43 -4.19
CA GLU A 985 19.62 -16.16 -3.87
C GLU A 985 20.50 -14.99 -4.25
N PHE A 986 21.82 -15.13 -4.09
CA PHE A 986 22.78 -14.10 -4.46
C PHE A 986 23.45 -14.38 -5.79
N ALA A 987 22.72 -14.96 -6.74
CA ALA A 987 23.29 -15.29 -8.04
C ALA A 987 23.48 -14.02 -8.87
N GLN A 988 24.48 -13.22 -8.53
CA GLN A 988 24.73 -11.95 -9.20
C GLN A 988 25.53 -12.17 -10.47
N VAL A 989 25.12 -11.52 -11.55
CA VAL A 989 25.84 -11.57 -12.82
C VAL A 989 25.94 -10.15 -13.38
N ASP A 990 27.11 -9.81 -13.90
CA ASP A 990 27.35 -8.46 -14.38
C ASP A 990 26.56 -8.18 -15.64
N THR A 991 26.19 -6.92 -15.82
CA THR A 991 25.39 -6.49 -16.96
C THR A 991 26.23 -5.79 -18.03
N GLY A 992 27.55 -5.88 -17.95
CA GLY A 992 28.38 -5.26 -18.96
C GLY A 992 28.31 -3.75 -18.89
N SER A 993 28.28 -3.12 -20.07
CA SER A 993 28.20 -1.66 -20.14
C SER A 993 26.84 -1.12 -19.77
N SER A 994 25.83 -1.99 -19.61
CA SER A 994 24.49 -1.56 -19.30
C SER A 994 24.26 -1.28 -17.82
N ALA A 995 25.31 -1.40 -16.99
CA ALA A 995 25.14 -1.17 -15.56
C ALA A 995 24.73 0.26 -15.28
N ASP A 996 25.32 1.22 -15.99
CA ASP A 996 24.96 2.62 -15.80
C ASP A 996 23.50 2.86 -16.16
N ILE A 997 23.05 2.29 -17.27
CA ILE A 997 21.67 2.45 -17.70
C ILE A 997 20.71 1.82 -16.68
N LEU A 998 21.06 0.62 -16.20
CA LEU A 998 20.22 -0.03 -15.20
C LEU A 998 20.15 0.79 -13.91
N THR A 999 21.28 1.36 -13.50
CA THR A 999 21.29 2.20 -12.31
C THR A 999 20.40 3.43 -12.51
N LEU A 1000 20.48 4.05 -13.69
CA LEU A 1000 19.63 5.21 -13.95
C LEU A 1000 18.15 4.82 -13.94
N LEU A 1001 17.82 3.66 -14.50
CA LEU A 1001 16.43 3.20 -14.47
C LEU A 1001 15.97 2.94 -13.05
N ASP A 1002 16.82 2.32 -12.22
CA ASP A 1002 16.42 2.05 -10.85
C ASP A 1002 16.20 3.34 -10.07
N PHE A 1003 17.09 4.31 -10.24
CA PHE A 1003 16.92 5.59 -9.56
C PHE A 1003 15.66 6.31 -10.04
N LEU A 1004 15.41 6.28 -11.34
CA LEU A 1004 14.21 6.91 -11.88
C LEU A 1004 12.95 6.26 -11.30
N HIS A 1005 12.93 4.94 -11.24
CA HIS A 1005 11.78 4.26 -10.67
C HIS A 1005 11.63 4.58 -9.19
N SER A 1006 12.73 4.63 -8.45
CA SER A 1006 12.67 4.94 -7.04
C SER A 1006 12.30 6.39 -6.78
N CYS A 1007 12.39 7.26 -7.79
CA CYS A 1007 11.90 8.62 -7.61
C CYS A 1007 10.39 8.68 -7.40
N GLY A 1008 9.69 7.58 -7.65
CA GLY A 1008 8.26 7.50 -7.36
C GLY A 1008 7.34 7.83 -8.51
N VAL A 1009 7.85 7.96 -9.73
CA VAL A 1009 6.99 8.27 -10.86
C VAL A 1009 6.22 7.02 -11.28
N LYS A 1010 5.22 7.24 -12.14
CA LYS A 1010 4.34 6.18 -12.58
C LYS A 1010 5.10 5.14 -13.40
N SER A 1011 4.37 4.10 -13.80
CA SER A 1011 4.93 2.96 -14.53
C SER A 1011 4.69 3.08 -16.03
N ASP A 1012 4.81 4.29 -16.57
CA ASP A 1012 4.44 4.55 -17.97
C ASP A 1012 5.29 3.74 -18.94
N SER A 1013 6.62 3.83 -18.82
CA SER A 1013 7.50 3.23 -19.82
C SER A 1013 8.70 2.55 -19.19
N PHE A 1014 8.56 2.03 -17.97
CA PHE A 1014 9.63 1.27 -17.36
C PHE A 1014 9.74 -0.14 -17.93
N ILE A 1015 8.73 -0.62 -18.63
CA ILE A 1015 8.77 -1.96 -19.19
C ILE A 1015 9.65 -1.95 -20.43
N ASN A 1016 10.65 -2.82 -20.46
CA ASN A 1016 11.53 -2.95 -21.62
C ASN A 1016 10.95 -4.02 -22.52
N SER A 1017 10.47 -3.61 -23.70
CA SER A 1017 9.76 -4.53 -24.59
C SER A 1017 10.65 -5.69 -25.00
N LYS A 1018 11.90 -5.39 -25.36
CA LYS A 1018 12.85 -6.44 -25.74
C LYS A 1018 13.11 -7.37 -24.56
N LEU A 1019 13.47 -6.81 -23.41
CA LEU A 1019 13.80 -7.63 -22.26
C LEU A 1019 12.58 -8.38 -21.74
N SER A 1020 11.43 -7.71 -21.69
CA SER A 1020 10.21 -8.37 -21.24
C SER A 1020 9.84 -9.52 -22.15
N ALA A 1021 9.94 -9.30 -23.47
CA ALA A 1021 9.65 -10.38 -24.41
C ALA A 1021 10.62 -11.53 -24.26
N LYS A 1022 11.90 -11.22 -24.05
CA LYS A 1022 12.90 -12.27 -23.85
C LYS A 1022 12.59 -13.07 -22.60
N LEU A 1023 12.21 -12.39 -21.52
CA LEU A 1023 11.85 -13.08 -20.29
C LEU A 1023 10.62 -13.96 -20.50
N ALA A 1024 9.63 -13.45 -21.22
CA ALA A 1024 8.43 -14.23 -21.51
C ALA A 1024 8.79 -15.48 -22.31
N ARG A 1025 9.71 -15.33 -23.27
CA ARG A 1025 10.18 -16.49 -24.03
C ARG A 1025 10.87 -17.48 -23.10
N GLN A 1026 11.72 -17.00 -22.19
CA GLN A 1026 12.44 -17.89 -21.30
C GLN A 1026 11.46 -18.66 -20.42
N LEU A 1027 10.48 -17.97 -19.86
CA LEU A 1027 9.44 -18.64 -19.07
C LEU A 1027 8.57 -19.53 -19.95
N ASP A 1028 8.51 -19.25 -21.25
CA ASP A 1028 7.72 -20.10 -22.14
C ASP A 1028 8.31 -21.49 -22.29
N GLU A 1029 9.62 -21.65 -22.09
CA GLU A 1029 10.22 -22.96 -22.13
C GLU A 1029 10.02 -23.63 -20.78
N PRO A 1030 9.31 -24.74 -20.70
CA PRO A 1030 8.99 -25.33 -19.40
C PRO A 1030 10.06 -26.26 -18.86
N LEU A 1031 10.85 -26.86 -19.75
CA LEU A 1031 11.76 -27.90 -19.32
C LEU A 1031 12.90 -27.34 -18.48
N VAL A 1032 13.45 -26.20 -18.88
CA VAL A 1032 14.53 -25.60 -18.10
C VAL A 1032 14.01 -25.11 -16.76
N VAL A 1033 12.80 -24.55 -16.74
CA VAL A 1033 12.27 -23.98 -15.50
C VAL A 1033 11.91 -25.07 -14.51
N ALA A 1034 11.27 -26.14 -14.98
CA ALA A 1034 10.87 -27.23 -14.09
C ALA A 1034 12.07 -27.92 -13.45
N SER A 1035 13.26 -27.75 -14.01
CA SER A 1035 14.47 -28.31 -13.44
C SER A 1035 15.23 -27.32 -12.57
N GLY A 1036 14.70 -26.12 -12.37
CA GLY A 1036 15.39 -25.13 -11.57
C GLY A 1036 16.70 -24.67 -12.16
N ALA A 1037 16.78 -24.57 -13.48
CA ALA A 1037 18.00 -24.19 -14.17
C ALA A 1037 17.84 -22.82 -14.81
N LEU A 1038 17.11 -21.93 -14.14
CA LEU A 1038 16.90 -20.61 -14.67
C LEU A 1038 18.24 -19.87 -14.79
N PRO A 1039 18.41 -19.07 -15.83
CA PRO A 1039 19.64 -18.31 -15.97
C PRO A 1039 19.76 -17.27 -14.87
N ASP A 1040 20.99 -17.01 -14.44
CA ASP A 1040 21.20 -16.08 -13.34
C ASP A 1040 20.77 -14.67 -13.69
N TRP A 1041 20.84 -14.31 -14.98
CA TRP A 1041 20.44 -12.95 -15.36
C TRP A 1041 18.96 -12.74 -15.09
N SER A 1042 18.13 -13.75 -15.38
CA SER A 1042 16.70 -13.61 -15.13
C SER A 1042 16.41 -13.40 -13.65
N LEU A 1043 16.98 -14.25 -12.80
CA LEU A 1043 16.74 -14.13 -11.36
C LEU A 1043 17.25 -12.81 -10.82
N PHE A 1044 18.47 -12.42 -11.20
CA PHE A 1044 19.02 -11.17 -10.71
C PHE A 1044 18.19 -9.97 -11.17
N LEU A 1045 17.75 -9.97 -12.43
CA LEU A 1045 17.00 -8.85 -12.94
C LEU A 1045 15.63 -8.75 -12.28
N THR A 1046 14.93 -9.88 -12.14
CA THR A 1046 13.62 -9.86 -11.50
C THR A 1046 13.75 -9.40 -10.04
N ARG A 1047 14.71 -9.95 -9.31
CA ARG A 1047 14.85 -9.59 -7.90
C ARG A 1047 15.30 -8.15 -7.71
N ARG A 1048 16.18 -7.67 -8.58
CA ARG A 1048 16.84 -6.39 -8.40
C ARG A 1048 16.16 -5.26 -9.15
N PHE A 1049 15.70 -5.51 -10.37
CA PHE A 1049 14.99 -4.51 -11.17
C PHE A 1049 13.64 -5.10 -11.57
N PRO A 1050 12.62 -4.92 -10.74
CA PRO A 1050 11.31 -5.51 -11.03
C PRO A 1050 10.41 -4.63 -11.88
N PHE A 1051 10.86 -3.44 -12.24
CA PHE A 1051 10.08 -2.49 -13.01
C PHE A 1051 10.25 -2.66 -14.51
N LEU A 1052 11.04 -3.62 -14.95
CA LEU A 1052 11.32 -3.82 -16.36
C LEU A 1052 10.38 -4.83 -17.02
N PHE A 1053 9.39 -5.34 -16.32
CA PHE A 1053 8.58 -6.42 -16.86
C PHE A 1053 7.11 -6.18 -16.53
N PRO A 1054 6.21 -6.63 -17.39
CA PRO A 1054 4.78 -6.46 -17.11
C PRO A 1054 4.34 -7.29 -15.91
N PHE A 1055 3.23 -6.86 -15.31
CA PHE A 1055 2.79 -7.49 -14.06
C PHE A 1055 2.55 -8.97 -14.24
N ASP A 1056 1.89 -9.38 -15.33
CA ASP A 1056 1.58 -10.78 -15.51
C ASP A 1056 2.84 -11.61 -15.72
N THR A 1057 3.85 -11.04 -16.39
CA THR A 1057 5.12 -11.72 -16.53
C THR A 1057 5.76 -11.97 -15.17
N ARG A 1058 5.76 -10.95 -14.31
CA ARG A 1058 6.37 -11.12 -12.99
C ARG A 1058 5.59 -12.10 -12.14
N MET A 1059 4.26 -12.07 -12.23
CA MET A 1059 3.45 -13.05 -11.50
C MET A 1059 3.73 -14.46 -12.00
N LEU A 1060 3.89 -14.63 -13.30
CA LEU A 1060 4.23 -15.94 -13.84
C LEU A 1060 5.61 -16.37 -13.38
N PHE A 1061 6.55 -15.43 -13.30
CA PHE A 1061 7.88 -15.74 -12.79
C PHE A 1061 7.81 -16.21 -11.35
N LEU A 1062 7.02 -15.53 -10.54
CA LEU A 1062 6.81 -15.95 -9.16
C LEU A 1062 6.19 -17.34 -9.11
N GLN A 1063 5.21 -17.59 -9.97
CA GLN A 1063 4.57 -18.91 -10.01
C GLN A 1063 5.58 -19.99 -10.38
N CYS A 1064 6.49 -19.68 -11.30
CA CYS A 1064 7.44 -20.68 -11.76
C CYS A 1064 8.55 -20.92 -10.73
N THR A 1065 8.98 -19.89 -10.02
CA THR A 1065 10.10 -20.02 -9.10
C THR A 1065 9.71 -20.39 -7.68
N SER A 1066 8.50 -20.04 -7.23
CA SER A 1066 8.17 -20.16 -5.81
C SER A 1066 7.74 -21.58 -5.44
N PHE A 1067 6.64 -22.07 -6.02
CA PHE A 1067 6.18 -23.40 -5.67
C PHE A 1067 6.68 -24.47 -6.63
N GLY A 1068 6.94 -24.11 -7.88
CA GLY A 1068 7.65 -25.00 -8.77
C GLY A 1068 6.90 -26.27 -9.10
N TYR A 1069 7.65 -27.37 -9.12
CA TYR A 1069 7.31 -28.61 -9.84
C TYR A 1069 5.84 -29.02 -9.74
N GLY A 1070 5.38 -29.31 -8.51
CA GLY A 1070 4.06 -29.88 -8.36
C GLY A 1070 2.97 -29.02 -8.95
N ARG A 1071 3.03 -27.71 -8.69
CA ARG A 1071 2.05 -26.78 -9.23
C ARG A 1071 2.43 -26.27 -10.61
N LEU A 1072 3.72 -26.28 -10.96
CA LEU A 1072 4.11 -25.80 -12.29
C LEU A 1072 3.69 -26.75 -13.39
N ILE A 1073 3.73 -28.06 -13.12
CA ILE A 1073 3.23 -29.02 -14.10
C ILE A 1073 1.78 -28.72 -14.45
N GLN A 1074 0.95 -28.49 -13.43
CA GLN A 1074 -0.46 -28.22 -13.70
C GLN A 1074 -0.68 -26.82 -14.26
N LEU A 1075 0.17 -25.85 -13.89
CA LEU A 1075 0.07 -24.53 -14.48
C LEU A 1075 0.32 -24.57 -15.98
N TRP A 1076 1.33 -25.32 -16.41
CA TRP A 1076 1.58 -25.45 -17.85
C TRP A 1076 0.56 -26.35 -18.51
N LYS A 1077 0.03 -27.34 -17.79
CA LYS A 1077 -1.02 -28.18 -18.36
C LYS A 1077 -2.28 -27.38 -18.64
N ASN A 1078 -2.60 -26.43 -17.76
CA ASN A 1078 -3.77 -25.57 -17.98
C ASN A 1078 -3.59 -24.72 -19.23
N LYS A 1079 -2.40 -24.17 -19.44
CA LYS A 1079 -2.13 -23.41 -20.66
C LYS A 1079 -2.17 -24.31 -21.89
N SER A 1080 -1.66 -25.54 -21.77
CA SER A 1080 -1.64 -26.45 -22.91
C SER A 1080 -3.05 -26.86 -23.33
N LYS A 1081 -3.93 -27.11 -22.36
CA LYS A 1081 -5.28 -27.54 -22.67
C LYS A 1081 -6.08 -26.48 -23.42
N GLY A 1082 -5.66 -25.23 -23.36
CA GLY A 1082 -6.35 -24.17 -24.07
C GLY A 1082 -5.78 -23.91 -25.46
N ASP A 1089 1.53 -35.17 -22.70
CA ASP A 1089 0.45 -34.99 -21.74
C ASP A 1089 0.40 -36.15 -20.75
N GLU A 1090 0.71 -37.36 -21.23
CA GLU A 1090 0.72 -38.52 -20.35
C GLU A 1090 1.78 -38.38 -19.26
N ALA A 1091 2.97 -37.90 -19.65
CA ALA A 1091 4.01 -37.68 -18.66
C ALA A 1091 3.58 -36.65 -17.61
N LEU A 1092 2.96 -35.55 -18.05
CA LEU A 1092 2.51 -34.53 -17.11
C LEU A 1092 1.46 -35.08 -16.15
N GLN A 1093 0.50 -35.84 -16.68
CA GLN A 1093 -0.57 -36.37 -15.84
C GLN A 1093 -0.11 -37.50 -14.93
N GLN A 1094 1.01 -38.15 -15.27
CA GLN A 1094 1.56 -39.17 -14.39
C GLN A 1094 2.53 -38.60 -13.37
N LEU A 1095 3.14 -37.45 -13.66
CA LEU A 1095 4.17 -36.90 -12.78
C LEU A 1095 3.78 -35.59 -12.11
N GLY A 1096 2.54 -35.13 -12.25
CA GLY A 1096 2.13 -33.89 -11.62
C GLY A 1096 0.82 -33.97 -10.86
N ARG A 1097 0.57 -35.11 -10.23
CA ARG A 1097 -0.66 -35.31 -9.48
C ARG A 1097 -0.49 -34.73 -8.08
N ILE A 1098 -1.23 -33.67 -7.77
CA ILE A 1098 -1.21 -33.04 -6.45
C ILE A 1098 -2.41 -33.56 -5.67
N THR A 1099 -2.14 -34.25 -4.57
CA THR A 1099 -3.21 -34.72 -3.70
C THR A 1099 -3.75 -33.57 -2.85
N ARG A 1100 -4.95 -33.78 -2.31
CA ARG A 1100 -5.62 -32.79 -1.49
C ARG A 1100 -5.85 -33.34 -0.09
N ARG A 1101 -5.72 -32.47 0.91
CA ARG A 1101 -5.94 -32.83 2.30
C ARG A 1101 -7.19 -32.13 2.81
N LYS A 1102 -8.11 -32.90 3.38
CA LYS A 1102 -9.34 -32.32 3.90
C LYS A 1102 -9.07 -31.50 5.14
N LEU A 1103 -9.75 -30.37 5.25
CA LEU A 1103 -9.72 -29.53 6.45
C LEU A 1103 -11.15 -29.27 6.88
N ARG A 1104 -11.53 -29.80 8.04
CA ARG A 1104 -12.88 -29.65 8.57
C ARG A 1104 -12.83 -28.80 9.83
N ILE A 1105 -13.61 -27.73 9.85
CA ILE A 1105 -13.65 -26.81 10.98
C ILE A 1105 -15.09 -26.52 11.34
N SER A 1106 -15.29 -26.12 12.59
CA SER A 1106 -16.61 -25.79 13.10
C SER A 1106 -16.81 -24.27 13.11
N ARG A 1107 -18.02 -23.85 12.79
CA ARG A 1107 -18.29 -22.42 12.64
C ARG A 1107 -18.16 -21.67 13.95
N LYS A 1108 -18.33 -22.35 15.09
CA LYS A 1108 -18.19 -21.67 16.38
C LYS A 1108 -16.75 -21.27 16.64
N THR A 1109 -15.82 -22.21 16.46
CA THR A 1109 -14.39 -21.97 16.68
C THR A 1109 -13.64 -21.84 15.36
N ILE A 1110 -14.28 -21.22 14.38
CA ILE A 1110 -13.72 -21.22 13.02
C ILE A 1110 -12.37 -20.51 12.99
N PHE A 1111 -12.29 -19.32 13.61
CA PHE A 1111 -11.05 -18.54 13.55
C PHE A 1111 -9.90 -19.29 14.20
N ALA A 1112 -10.09 -19.73 15.45
CA ALA A 1112 -9.00 -20.36 16.18
C ALA A 1112 -8.61 -21.70 15.57
N THR A 1113 -9.59 -22.52 15.20
CA THR A 1113 -9.27 -23.80 14.60
C THR A 1113 -8.59 -23.62 13.26
N GLY A 1114 -9.04 -22.67 12.45
CA GLY A 1114 -8.36 -22.39 11.20
C GLY A 1114 -6.94 -21.93 11.42
N LEU A 1115 -6.71 -21.10 12.43
CA LEU A 1115 -5.35 -20.65 12.70
C LEU A 1115 -4.45 -21.80 13.13
N LYS A 1116 -4.94 -22.68 14.01
CA LYS A 1116 -4.10 -23.79 14.45
C LYS A 1116 -3.84 -24.77 13.31
N ILE A 1117 -4.84 -25.05 12.48
CA ILE A 1117 -4.60 -25.92 11.34
C ILE A 1117 -3.66 -25.26 10.35
N LEU A 1118 -3.76 -23.93 10.22
CA LEU A 1118 -2.85 -23.18 9.37
C LEU A 1118 -1.41 -23.30 9.88
N SER A 1119 -1.22 -23.26 11.19
CA SER A 1119 0.11 -23.48 11.74
C SER A 1119 0.58 -24.90 11.44
N LYS A 1120 -0.29 -25.89 11.62
CA LYS A 1120 0.13 -27.28 11.44
C LYS A 1120 0.51 -27.58 10.00
N TYR A 1121 -0.29 -27.11 9.04
CA TYR A 1121 -0.05 -27.39 7.62
C TYR A 1121 0.27 -26.12 6.86
N GLY A 1122 1.10 -25.25 7.44
CA GLY A 1122 1.37 -23.98 6.80
C GLY A 1122 2.16 -24.13 5.50
N SER A 1123 3.18 -24.97 5.51
CA SER A 1123 4.06 -25.13 4.36
C SER A 1123 3.89 -26.47 3.66
N SER A 1124 2.83 -27.21 3.95
CA SER A 1124 2.61 -28.47 3.26
C SER A 1124 2.36 -28.20 1.79
N PRO A 1125 3.10 -28.85 0.88
CA PRO A 1125 2.95 -28.53 -0.55
C PRO A 1125 1.58 -28.88 -1.10
N ASP A 1126 0.83 -29.74 -0.43
CA ASP A 1126 -0.45 -30.22 -0.96
C ASP A 1126 -1.47 -29.09 -0.97
N VAL A 1127 -2.59 -29.36 -1.63
CA VAL A 1127 -3.69 -28.41 -1.74
C VAL A 1127 -4.66 -28.64 -0.60
N LEU A 1128 -4.99 -27.57 0.12
CA LEU A 1128 -5.84 -27.64 1.31
C LEU A 1128 -7.18 -27.01 1.01
N GLU A 1129 -8.25 -27.77 1.24
CA GLU A 1129 -9.61 -27.29 1.10
C GLU A 1129 -10.29 -27.27 2.46
N ILE A 1130 -11.01 -26.19 2.74
CA ILE A 1130 -11.63 -25.97 4.04
C ILE A 1130 -13.08 -26.44 3.97
N GLU A 1131 -13.49 -27.22 4.96
CA GLU A 1131 -14.85 -27.74 5.04
C GLU A 1131 -15.47 -27.29 6.35
N TYR A 1132 -16.72 -26.82 6.28
CA TYR A 1132 -17.43 -26.40 7.49
C TYR A 1132 -18.13 -27.59 8.14
N GLN A 1133 -18.01 -27.67 9.46
CA GLN A 1133 -18.67 -28.73 10.20
C GLN A 1133 -19.96 -28.21 10.84
N THR A 1138 -19.04 -27.85 -0.45
CA THR A 1138 -17.84 -28.57 -0.82
C THR A 1138 -17.09 -27.84 -1.92
N GLY A 1139 -15.87 -28.27 -2.19
CA GLY A 1139 -15.09 -27.66 -3.25
C GLY A 1139 -14.60 -26.27 -2.90
N LEU A 1140 -14.83 -25.32 -3.81
CA LEU A 1140 -14.36 -23.96 -3.61
C LEU A 1140 -15.24 -23.16 -2.65
N GLY A 1141 -16.49 -23.57 -2.45
CA GLY A 1141 -17.42 -22.80 -1.67
C GLY A 1141 -16.99 -22.56 -0.24
N PRO A 1142 -16.96 -23.64 0.56
CA PRO A 1142 -16.57 -23.49 1.96
C PRO A 1142 -15.18 -22.91 2.13
N THR A 1143 -14.23 -23.29 1.29
CA THR A 1143 -12.87 -22.78 1.47
C THR A 1143 -12.79 -21.30 1.15
N LEU A 1144 -13.50 -20.84 0.12
CA LEU A 1144 -13.55 -19.41 -0.16
C LEU A 1144 -14.22 -18.68 0.99
N GLU A 1145 -15.28 -19.26 1.55
CA GLU A 1145 -15.94 -18.64 2.69
C GLU A 1145 -14.98 -18.50 3.87
N PHE A 1146 -14.17 -19.54 4.11
CA PHE A 1146 -13.18 -19.49 5.18
C PHE A 1146 -12.15 -18.40 4.93
N TYR A 1147 -11.56 -18.40 3.74
CA TYR A 1147 -10.52 -17.41 3.43
C TYR A 1147 -11.08 -16.01 3.46
N SER A 1148 -12.39 -15.86 3.29
CA SER A 1148 -12.98 -14.53 3.40
C SER A 1148 -13.23 -14.15 4.85
N VAL A 1149 -13.84 -15.04 5.64
CA VAL A 1149 -14.25 -14.68 6.98
C VAL A 1149 -13.05 -14.49 7.89
N VAL A 1150 -12.01 -15.30 7.73
CA VAL A 1150 -10.85 -15.11 8.61
C VAL A 1150 -10.09 -13.84 8.21
N SER A 1151 -10.07 -13.51 6.93
CA SER A 1151 -9.50 -12.24 6.51
C SER A 1151 -10.29 -11.08 7.08
N LYS A 1152 -11.60 -11.28 7.27
CA LYS A 1152 -12.40 -10.28 7.98
C LYS A 1152 -12.02 -10.21 9.45
N TYR A 1153 -11.87 -11.38 10.08
CA TYR A 1153 -11.62 -11.44 11.52
C TYR A 1153 -10.31 -10.78 11.90
N PHE A 1154 -9.26 -10.99 11.11
CA PHE A 1154 -7.98 -10.37 11.41
C PHE A 1154 -8.07 -8.85 11.48
N ALA A 1155 -9.22 -8.27 11.12
CA ALA A 1155 -9.38 -6.82 11.03
C ALA A 1155 -10.20 -6.26 12.18
N ARG A 1156 -10.37 -7.02 13.25
CA ARG A 1156 -11.20 -6.60 14.38
C ARG A 1156 -10.37 -5.85 15.41
N LYS A 1157 -11.04 -5.42 16.49
CA LYS A 1157 -10.38 -4.68 17.55
C LYS A 1157 -10.14 -5.49 18.81
N SER A 1158 -10.78 -6.65 18.96
CA SER A 1158 -10.59 -7.42 20.19
C SER A 1158 -9.22 -8.05 20.28
N LEU A 1159 -8.50 -8.17 19.16
CA LEU A 1159 -7.16 -8.77 19.17
C LEU A 1159 -6.07 -7.76 19.45
N ASN A 1160 -6.38 -6.46 19.41
CA ASN A 1160 -5.39 -5.40 19.65
C ASN A 1160 -4.20 -5.55 18.72
N MET A 1161 -4.46 -6.01 17.50
CA MET A 1161 -3.39 -6.24 16.54
C MET A 1161 -3.02 -4.96 15.80
N TRP A 1162 -4.01 -4.33 15.19
CA TRP A 1162 -3.81 -3.14 14.38
C TRP A 1162 -4.18 -1.90 15.17
N ARG A 1163 -3.66 -0.76 14.74
CA ARG A 1163 -4.06 0.48 15.35
C ARG A 1163 -5.51 0.78 15.00
N CYS A 1164 -6.23 1.40 15.94
CA CYS A 1164 -7.66 1.64 15.81
C CYS A 1164 -7.95 3.13 15.75
N ASN A 1165 -9.23 3.44 15.58
CA ASN A 1165 -9.66 4.84 15.58
C ASN A 1165 -9.48 5.46 16.96
N SER A 1166 -9.62 4.67 18.02
CA SER A 1166 -9.41 5.10 19.40
C SER A 1166 -10.36 6.25 19.78
N TYR A 1167 -11.65 5.93 19.71
CA TYR A 1167 -12.69 6.84 20.20
C TYR A 1167 -13.53 6.16 21.27
N ASP A 1179 -19.67 -3.64 16.50
CA ASP A 1179 -18.80 -3.19 15.43
C ASP A 1179 -17.34 -3.47 15.76
N ASP A 1180 -17.00 -4.75 15.89
CA ASP A 1180 -15.64 -5.13 16.20
C ASP A 1180 -14.68 -4.87 15.04
N TYR A 1181 -15.15 -4.91 13.81
CA TYR A 1181 -14.28 -4.82 12.64
C TYR A 1181 -13.76 -3.41 12.47
N ILE A 1182 -12.52 -3.28 12.04
CA ILE A 1182 -11.94 -1.98 11.74
C ILE A 1182 -12.25 -1.62 10.29
N THR A 1183 -12.51 -0.34 10.04
CA THR A 1183 -12.87 0.08 8.69
C THR A 1183 -11.69 0.67 7.92
N THR A 1184 -10.93 1.58 8.53
CA THR A 1184 -9.90 2.31 7.82
C THR A 1184 -8.74 1.37 7.46
N LEU A 1185 -7.71 1.93 6.85
CA LEU A 1185 -6.57 1.13 6.42
C LEU A 1185 -5.88 0.49 7.62
N LEU A 1186 -5.49 -0.76 7.43
CA LEU A 1186 -5.14 -1.65 8.53
C LEU A 1186 -3.63 -1.78 8.63
N PHE A 1187 -3.08 -1.50 9.83
CA PHE A 1187 -1.65 -1.25 10.03
C PHE A 1187 -1.31 -1.55 11.48
N PRO A 1188 -0.15 -2.16 11.76
CA PRO A 1188 0.15 -2.59 13.13
C PRO A 1188 0.37 -1.43 14.09
N GLU A 1189 0.08 -1.68 15.41
CA GLU A 1189 0.26 -0.68 16.44
C GLU A 1189 1.44 -1.03 17.34
N PRO A 1190 2.08 -0.03 17.93
CA PRO A 1190 3.28 -0.29 18.73
C PRO A 1190 3.00 -1.23 19.89
N LEU A 1191 3.96 -2.09 20.17
CA LEU A 1191 3.81 -3.06 21.25
C LEU A 1191 4.13 -2.40 22.59
N ASN A 1192 3.82 -3.12 23.67
CA ASN A 1192 4.19 -2.70 25.01
C ASN A 1192 5.42 -3.48 25.43
N PRO A 1193 6.54 -2.82 25.73
CA PRO A 1193 7.74 -3.57 26.16
C PRO A 1193 7.51 -4.43 27.38
N PHE A 1194 6.61 -4.02 28.27
CA PHE A 1194 6.38 -4.74 29.51
C PHE A 1194 5.25 -5.75 29.40
N SER A 1195 4.15 -5.40 28.75
CA SER A 1195 3.01 -6.30 28.69
C SER A 1195 3.35 -7.58 27.94
N ASN A 1196 2.65 -8.66 28.29
CA ASN A 1196 2.86 -9.94 27.62
C ASN A 1196 2.35 -9.82 26.20
N ASN A 1197 3.26 -9.58 25.26
CA ASN A 1197 2.92 -9.43 23.85
C ASN A 1197 2.99 -10.74 23.10
N GLU A 1198 2.95 -11.87 23.80
CA GLU A 1198 3.12 -13.16 23.14
C GLU A 1198 1.96 -13.46 22.19
N LYS A 1199 0.73 -13.16 22.60
CA LYS A 1199 -0.41 -13.52 21.77
C LYS A 1199 -0.49 -12.65 20.52
N VAL A 1200 -0.16 -11.36 20.65
CA VAL A 1200 -0.16 -10.48 19.48
C VAL A 1200 0.86 -10.96 18.45
N ILE A 1201 2.07 -11.28 18.91
CA ILE A 1201 3.12 -11.73 18.01
C ILE A 1201 2.76 -13.07 17.38
N GLU A 1202 2.21 -13.98 18.17
CA GLU A 1202 1.80 -15.27 17.63
C GLU A 1202 0.74 -15.08 16.56
N LEU A 1203 -0.22 -14.19 16.80
CA LEU A 1203 -1.27 -13.94 15.82
C LEU A 1203 -0.68 -13.31 14.55
N PHE A 1204 0.30 -12.42 14.70
CA PHE A 1204 0.94 -11.81 13.54
C PHE A 1204 1.63 -12.86 12.67
N GLY A 1205 2.33 -13.79 13.32
CA GLY A 1205 2.93 -14.88 12.58
C GLY A 1205 1.88 -15.74 11.88
N TYR A 1206 0.76 -15.96 12.56
CA TYR A 1206 -0.36 -16.64 11.91
C TYR A 1206 -0.82 -15.88 10.67
N LEU A 1207 -0.87 -14.55 10.76
CA LEU A 1207 -1.28 -13.74 9.62
C LEU A 1207 -0.31 -13.92 8.46
N GLY A 1208 0.98 -13.92 8.75
CA GLY A 1208 1.95 -14.12 7.68
C GLY A 1208 1.79 -15.47 7.01
N THR A 1209 1.68 -16.53 7.81
CA THR A 1209 1.50 -17.85 7.22
C THR A 1209 0.21 -17.93 6.42
N PHE A 1210 -0.84 -17.28 6.91
CA PHE A 1210 -2.12 -17.28 6.20
C PHE A 1210 -2.00 -16.58 4.86
N VAL A 1211 -1.38 -15.41 4.83
CA VAL A 1211 -1.25 -14.67 3.58
C VAL A 1211 -0.44 -15.47 2.57
N ALA A 1212 0.66 -16.08 3.01
CA ALA A 1212 1.46 -16.88 2.09
C ALA A 1212 0.67 -18.08 1.58
N ARG A 1213 -0.03 -18.78 2.47
CA ARG A 1213 -0.79 -19.95 2.03
C ARG A 1213 -1.90 -19.55 1.08
N SER A 1214 -2.47 -18.37 1.24
CA SER A 1214 -3.47 -17.89 0.30
C SER A 1214 -2.86 -17.59 -1.05
N LEU A 1215 -1.75 -16.85 -1.05
CA LEU A 1215 -1.14 -16.43 -2.31
C LEU A 1215 -0.65 -17.63 -3.11
N LEU A 1216 -0.10 -18.63 -2.43
CA LEU A 1216 0.36 -19.82 -3.14
C LEU A 1216 -0.80 -20.55 -3.79
N ASP A 1217 -1.92 -20.69 -3.08
CA ASP A 1217 -3.04 -21.51 -3.54
C ASP A 1217 -4.08 -20.70 -4.30
N ASN A 1218 -3.67 -19.61 -4.94
CA ASN A 1218 -4.53 -18.77 -5.79
C ASN A 1218 -5.91 -18.55 -5.17
N ARG A 1219 -5.92 -18.06 -3.93
CA ARG A 1219 -7.15 -17.70 -3.27
C ARG A 1219 -7.31 -16.19 -3.22
N ILE A 1220 -8.48 -15.75 -2.75
CA ILE A 1220 -8.85 -14.34 -2.75
C ILE A 1220 -9.12 -13.90 -1.31
N LEU A 1221 -8.49 -12.81 -0.91
CA LEU A 1221 -8.57 -12.31 0.46
C LEU A 1221 -9.33 -10.99 0.48
N ASP A 1222 -9.57 -10.48 1.69
CA ASP A 1222 -10.37 -9.29 1.87
C ASP A 1222 -9.64 -8.18 2.65
N PHE A 1223 -8.35 -8.32 2.91
CA PHE A 1223 -7.67 -7.33 3.72
C PHE A 1223 -7.62 -5.98 3.00
N ARG A 1224 -7.39 -4.94 3.78
CA ARG A 1224 -7.18 -3.60 3.27
C ARG A 1224 -5.87 -3.04 3.79
N PHE A 1225 -4.81 -3.86 3.67
CA PHE A 1225 -3.49 -3.47 4.16
C PHE A 1225 -3.09 -2.10 3.64
N SER A 1226 -2.42 -1.34 4.48
CA SER A 1226 -1.81 -0.13 4.00
C SER A 1226 -0.57 -0.51 3.21
N LYS A 1227 -0.33 0.23 2.12
CA LYS A 1227 0.83 -0.08 1.29
C LYS A 1227 2.13 0.12 2.07
N VAL A 1228 2.09 0.96 3.11
CA VAL A 1228 3.28 1.20 3.92
C VAL A 1228 3.67 -0.04 4.70
N PHE A 1229 2.68 -0.84 5.11
CA PHE A 1229 2.97 -2.11 5.75
C PHE A 1229 3.88 -2.96 4.88
N PHE A 1230 3.53 -3.10 3.59
CA PHE A 1230 4.35 -3.91 2.72
C PHE A 1230 5.63 -3.18 2.29
N GLU A 1231 5.61 -1.86 2.24
CA GLU A 1231 6.84 -1.13 1.94
C GLU A 1231 7.90 -1.40 3.01
N LEU A 1232 7.51 -1.34 4.28
CA LEU A 1232 8.44 -1.66 5.35
C LEU A 1232 8.78 -3.14 5.39
N LEU A 1233 7.82 -4.02 5.06
CA LEU A 1233 8.16 -5.43 4.97
C LEU A 1233 9.22 -5.68 3.91
N HIS A 1234 9.15 -4.96 2.79
CA HIS A 1234 10.17 -5.09 1.75
C HIS A 1234 11.50 -4.55 2.22
N ARG A 1235 11.52 -3.31 2.73
CA ARG A 1235 12.79 -2.73 3.17
C ARG A 1235 13.43 -3.53 4.29
N MET A 1236 12.64 -4.29 5.04
CA MET A 1236 13.22 -5.15 6.07
C MET A 1236 13.94 -6.34 5.45
N SER A 1237 13.30 -7.01 4.49
CA SER A 1237 13.87 -8.23 3.93
C SER A 1237 14.90 -7.95 2.84
N THR A 1238 14.99 -6.72 2.37
CA THR A 1238 16.05 -6.36 1.42
C THR A 1238 17.36 -6.16 2.16
N PRO A 1239 18.45 -6.78 1.72
CA PRO A 1239 19.73 -6.61 2.42
C PRO A 1239 20.26 -5.19 2.29
N ASN A 1240 21.13 -4.84 3.23
CA ASN A 1240 21.85 -3.56 3.30
C ASN A 1240 20.96 -2.33 3.13
N VAL A 1241 19.71 -2.39 3.59
CA VAL A 1241 18.86 -1.21 3.68
C VAL A 1241 18.16 -1.21 5.02
N THR A 1242 18.13 -0.05 5.66
CA THR A 1242 17.45 0.11 6.93
C THR A 1242 15.94 -0.02 6.73
N THR A 1243 15.28 -0.67 7.69
CA THR A 1243 13.82 -0.78 7.62
C THR A 1243 13.17 0.59 7.66
N VAL A 1244 13.65 1.48 8.51
CA VAL A 1244 13.20 2.87 8.54
C VAL A 1244 14.10 3.67 7.62
N PRO A 1245 13.57 4.38 6.63
CA PRO A 1245 14.41 5.23 5.79
C PRO A 1245 15.16 6.25 6.63
N SER A 1246 16.42 6.47 6.27
CA SER A 1246 17.25 7.37 7.06
C SER A 1246 16.69 8.79 7.05
N ASP A 1247 16.24 9.25 5.89
CA ASP A 1247 15.72 10.60 5.75
C ASP A 1247 14.42 10.75 6.52
N VAL A 1248 14.25 11.92 7.15
CA VAL A 1248 13.05 12.18 7.94
C VAL A 1248 11.82 12.34 7.04
N GLU A 1249 11.98 13.09 5.95
CA GLU A 1249 10.83 13.45 5.12
C GLU A 1249 10.15 12.20 4.57
N THR A 1250 10.94 11.21 4.16
CA THR A 1250 10.35 9.96 3.69
C THR A 1250 9.54 9.29 4.79
N CYS A 1251 10.03 9.32 6.02
CA CYS A 1251 9.28 8.73 7.12
C CYS A 1251 7.97 9.48 7.37
N LEU A 1252 8.01 10.81 7.29
CA LEU A 1252 6.79 11.59 7.50
C LEU A 1252 5.76 11.28 6.41
N LEU A 1253 6.20 11.24 5.15
CA LEU A 1253 5.27 10.88 4.08
C LEU A 1253 4.87 9.42 4.14
N MET A 1254 5.63 8.58 4.84
CA MET A 1254 5.27 7.19 4.99
C MET A 1254 4.22 7.00 6.07
N ILE A 1255 4.27 7.81 7.13
CA ILE A 1255 3.19 7.76 8.12
C ILE A 1255 1.97 8.52 7.66
N GLU A 1256 2.14 9.48 6.74
CA GLU A 1256 0.99 10.22 6.23
C GLU A 1256 0.02 9.33 5.48
N LEU A 1257 0.45 8.16 5.05
CA LEU A 1257 -0.46 7.18 4.49
C LEU A 1257 -1.05 6.27 5.53
N VAL A 1258 -0.72 6.47 6.80
CA VAL A 1258 -1.22 5.63 7.89
C VAL A 1258 -2.21 6.40 8.76
N ASP A 1259 -1.78 7.51 9.36
CA ASP A 1259 -2.65 8.35 10.18
C ASP A 1259 -2.44 9.80 9.76
N PRO A 1260 -3.25 10.29 8.82
CA PRO A 1260 -3.00 11.63 8.28
C PRO A 1260 -2.99 12.73 9.33
N LEU A 1261 -3.85 12.62 10.35
CA LEU A 1261 -3.82 13.61 11.42
C LEU A 1261 -2.52 13.54 12.21
N LEU A 1262 -2.07 12.33 12.55
CA LEU A 1262 -0.80 12.19 13.23
C LEU A 1262 0.32 12.82 12.42
N ALA A 1263 0.34 12.53 11.12
CA ALA A 1263 1.41 13.05 10.28
C ALA A 1263 1.37 14.56 10.19
N LYS A 1264 0.18 15.15 10.05
CA LYS A 1264 0.14 16.60 9.93
C LYS A 1264 0.54 17.27 11.24
N SER A 1265 0.17 16.68 12.39
CA SER A 1265 0.62 17.25 13.65
C SER A 1265 2.13 17.12 13.82
N LEU A 1266 2.69 15.96 13.46
CA LEU A 1266 4.14 15.79 13.56
C LEU A 1266 4.85 16.76 12.63
N LYS A 1267 4.31 16.97 11.44
CA LYS A 1267 4.90 17.95 10.53
C LYS A 1267 4.78 19.36 11.07
N TYR A 1268 3.71 19.66 11.80
CA TYR A 1268 3.64 20.94 12.49
C TYR A 1268 4.76 21.09 13.50
N ILE A 1269 5.01 20.02 14.26
CA ILE A 1269 6.12 20.02 15.22
C ILE A 1269 7.43 20.29 14.49
N VAL A 1270 7.68 19.55 13.42
CA VAL A 1270 8.95 19.64 12.70
C VAL A 1270 9.13 21.04 12.12
N ALA A 1271 8.09 21.56 11.47
CA ALA A 1271 8.17 22.89 10.88
C ALA A 1271 8.28 23.97 11.95
N ASN A 1272 7.87 23.69 13.18
CA ASN A 1272 8.01 24.63 14.28
C ASN A 1272 9.00 24.12 15.32
N LYS A 1273 10.10 23.52 14.87
CA LYS A 1273 11.12 23.03 15.76
C LYS A 1273 12.09 24.11 16.21
N ASP A 1274 11.92 25.36 15.76
CA ASP A 1274 12.81 26.44 16.12
C ASP A 1274 12.11 27.58 16.85
N ASP A 1275 10.88 27.36 17.33
CA ASP A 1275 10.16 28.32 18.15
C ASP A 1275 9.88 27.64 19.49
N ASN A 1276 10.73 27.92 20.48
CA ASN A 1276 10.68 27.17 21.73
C ASN A 1276 9.35 27.38 22.45
N MET A 1277 8.84 28.61 22.43
CA MET A 1277 7.58 28.89 23.12
C MET A 1277 6.45 28.04 22.56
N THR A 1278 6.48 27.77 21.25
CA THR A 1278 5.46 26.89 20.67
C THR A 1278 5.56 25.49 21.23
N LEU A 1279 6.79 24.98 21.39
CA LEU A 1279 6.96 23.66 21.98
C LEU A 1279 6.48 23.64 23.42
N GLU A 1280 6.75 24.71 24.17
CA GLU A 1280 6.24 24.79 25.54
C GLU A 1280 4.72 24.77 25.56
N SER A 1281 4.10 25.51 24.64
CA SER A 1281 2.64 25.50 24.55
C SER A 1281 2.13 24.11 24.22
N LEU A 1282 2.85 23.38 23.36
CA LEU A 1282 2.47 22.01 23.07
C LEU A 1282 2.52 21.14 24.32
N SER A 1283 3.58 21.30 25.13
CA SER A 1283 3.65 20.68 26.45
C SER A 1283 3.36 19.19 26.41
N LEU A 1284 4.20 18.42 25.75
CA LEU A 1284 4.02 16.98 25.68
C LEU A 1284 5.28 16.31 26.19
N THR A 1285 5.15 15.01 26.48
CA THR A 1285 6.24 14.22 27.04
C THR A 1285 6.72 13.21 26.01
N PHE A 1286 7.83 12.55 26.33
CA PHE A 1286 8.46 11.60 25.44
C PHE A 1286 7.80 10.22 25.55
N THR A 1287 6.54 10.19 25.14
CA THR A 1287 5.75 8.96 25.08
C THR A 1287 5.04 8.92 23.73
N VAL A 1288 4.77 7.70 23.27
CA VAL A 1288 4.20 7.53 21.93
C VAL A 1288 2.78 8.08 21.90
N PRO A 1289 2.43 8.95 20.96
CA PRO A 1289 1.06 9.45 20.88
C PRO A 1289 0.06 8.32 20.63
N GLY A 1290 -1.09 8.42 21.27
CA GLY A 1290 -2.10 7.39 21.18
C GLY A 1290 -2.00 6.31 22.23
N ASN A 1291 -0.89 6.24 22.96
CA ASN A 1291 -0.74 5.29 24.05
C ASN A 1291 0.31 5.87 25.00
N ASP A 1292 -0.14 6.47 26.10
CA ASP A 1292 0.80 7.07 27.03
C ASP A 1292 1.56 6.04 27.85
N ASP A 1293 1.17 4.76 27.78
CA ASP A 1293 1.82 3.73 28.57
C ASP A 1293 3.22 3.40 28.08
N ILE A 1294 3.61 3.83 26.88
CA ILE A 1294 4.92 3.55 26.33
C ILE A 1294 5.64 4.86 26.12
N GLU A 1295 6.87 4.95 26.63
CA GLU A 1295 7.70 6.13 26.46
C GLU A 1295 8.68 5.94 25.33
N LEU A 1296 9.16 7.05 24.78
CA LEU A 1296 10.16 6.98 23.72
C LEU A 1296 11.46 6.39 24.25
N ILE A 1297 12.08 7.07 25.20
CA ILE A 1297 13.33 6.63 25.81
C ILE A 1297 13.05 6.38 27.28
N PRO A 1298 13.71 5.41 27.91
CA PRO A 1298 13.42 5.12 29.31
C PRO A 1298 13.66 6.34 30.21
N GLY A 1299 12.76 6.54 31.16
CA GLY A 1299 12.84 7.68 32.05
C GLY A 1299 12.32 8.97 31.47
N GLY A 1300 11.76 8.95 30.27
CA GLY A 1300 11.26 10.14 29.63
C GLY A 1300 9.81 10.46 29.87
N CYS A 1301 9.13 9.73 30.75
CA CYS A 1301 7.71 9.97 30.99
C CYS A 1301 7.45 11.39 31.49
N ASN A 1302 8.42 11.96 32.20
CA ASN A 1302 8.33 13.33 32.68
C ASN A 1302 9.20 14.28 31.88
N LYS A 1303 9.75 13.83 30.76
CA LYS A 1303 10.70 14.63 30.00
C LYS A 1303 9.94 15.62 29.12
N SER A 1304 10.15 16.91 29.38
CA SER A 1304 9.48 17.94 28.61
C SER A 1304 10.00 17.97 27.19
N LEU A 1305 9.14 18.38 26.27
CA LEU A 1305 9.49 18.53 24.87
C LEU A 1305 9.69 20.00 24.55
N ASN A 1306 10.88 20.32 24.04
CA ASN A 1306 11.20 21.69 23.66
C ASN A 1306 12.24 21.65 22.56
N SER A 1307 12.68 22.83 22.12
CA SER A 1307 13.59 22.91 20.99
C SER A 1307 14.90 22.18 21.25
N SER A 1308 15.27 22.00 22.52
CA SER A 1308 16.53 21.34 22.83
C SER A 1308 16.55 19.89 22.34
N ASN A 1309 15.46 19.18 22.55
CA ASN A 1309 15.40 17.75 22.26
C ASN A 1309 14.28 17.42 21.28
N VAL A 1310 13.94 18.35 20.39
CA VAL A 1310 12.86 18.11 19.44
C VAL A 1310 13.23 16.96 18.50
N GLU A 1311 14.45 16.96 17.99
CA GLU A 1311 14.86 15.94 17.02
C GLU A 1311 14.87 14.56 17.66
N GLU A 1312 15.32 14.47 18.91
CA GLU A 1312 15.23 13.20 19.62
C GLU A 1312 13.79 12.74 19.72
N TYR A 1313 12.87 13.68 19.99
CA TYR A 1313 11.46 13.33 20.08
C TYR A 1313 10.93 12.79 18.76
N ILE A 1314 11.25 13.47 17.66
CA ILE A 1314 10.74 13.04 16.35
C ILE A 1314 11.30 11.67 16.01
N HIS A 1315 12.60 11.47 16.24
CA HIS A 1315 13.19 10.17 15.95
C HIS A 1315 12.56 9.07 16.79
N GLY A 1316 12.29 9.37 18.07
CA GLY A 1316 11.64 8.38 18.91
C GLY A 1316 10.26 8.03 18.41
N VAL A 1317 9.47 9.04 18.03
CA VAL A 1317 8.12 8.77 17.55
C VAL A 1317 8.17 7.94 16.28
N ILE A 1318 9.07 8.30 15.36
CA ILE A 1318 9.18 7.58 14.10
C ILE A 1318 9.60 6.14 14.35
N ASP A 1319 10.58 5.92 15.22
CA ASP A 1319 11.02 4.57 15.50
C ASP A 1319 9.97 3.78 16.27
N GLN A 1320 9.08 4.46 16.98
CA GLN A 1320 8.05 3.78 17.73
C GLN A 1320 6.83 3.44 16.88
N ILE A 1321 6.59 4.21 15.81
CA ILE A 1321 5.48 3.89 14.93
C ILE A 1321 5.91 2.95 13.81
N LEU A 1322 6.98 3.31 13.10
CA LEU A 1322 7.45 2.56 11.94
C LEU A 1322 8.51 1.52 12.28
N GLY A 1323 9.41 1.82 13.21
CA GLY A 1323 10.56 0.95 13.41
C GLY A 1323 10.49 0.07 14.63
N LYS A 1324 11.25 0.44 15.68
CA LYS A 1324 11.37 -0.39 16.86
C LYS A 1324 10.03 -0.71 17.48
N GLY A 1325 9.08 0.22 17.38
CA GLY A 1325 7.76 -0.03 17.95
C GLY A 1325 7.06 -1.22 17.33
N ILE A 1326 7.24 -1.44 16.03
CA ILE A 1326 6.52 -2.50 15.35
C ILE A 1326 7.48 -3.54 14.78
N GLU A 1327 8.75 -3.45 15.15
CA GLU A 1327 9.74 -4.34 14.56
C GLU A 1327 9.45 -5.80 14.89
N LYS A 1328 9.03 -6.09 16.11
CA LYS A 1328 8.75 -7.46 16.49
C LYS A 1328 7.61 -8.03 15.66
N GLN A 1329 6.56 -7.24 15.44
CA GLN A 1329 5.43 -7.71 14.65
C GLN A 1329 5.83 -7.97 13.21
N LEU A 1330 6.58 -7.05 12.61
CA LEU A 1330 7.00 -7.26 11.23
C LEU A 1330 7.86 -8.50 11.10
N LYS A 1331 8.81 -8.69 12.01
CA LYS A 1331 9.67 -9.86 11.93
C LYS A 1331 8.89 -11.14 12.12
N ALA A 1332 7.92 -11.14 13.04
CA ALA A 1332 7.08 -12.31 13.21
C ALA A 1332 6.28 -12.60 11.96
N PHE A 1333 5.77 -11.55 11.31
CA PHE A 1333 5.05 -11.72 10.06
C PHE A 1333 5.94 -12.34 9.00
N ILE A 1334 7.17 -11.85 8.89
CA ILE A 1334 8.08 -12.37 7.88
C ILE A 1334 8.41 -13.83 8.17
N GLU A 1335 8.62 -14.18 9.43
CA GLU A 1335 8.90 -15.57 9.76
C GLU A 1335 7.72 -16.47 9.40
N GLY A 1336 6.51 -16.05 9.75
CA GLY A 1336 5.35 -16.85 9.42
C GLY A 1336 5.15 -16.98 7.91
N PHE A 1337 5.36 -15.88 7.19
CA PHE A 1337 5.22 -15.89 5.74
C PHE A 1337 6.24 -16.82 5.10
N SER A 1338 7.49 -16.71 5.53
CA SER A 1338 8.58 -17.50 4.98
C SER A 1338 8.56 -18.93 5.46
N LYS A 1339 7.71 -19.27 6.42
CA LYS A 1339 7.55 -20.67 6.77
C LYS A 1339 7.12 -21.49 5.56
N VAL A 1340 6.41 -20.88 4.62
CA VAL A 1340 5.93 -21.60 3.43
C VAL A 1340 6.89 -21.39 2.28
N PHE A 1341 7.06 -20.14 1.84
CA PHE A 1341 8.09 -19.82 0.86
C PHE A 1341 8.67 -18.45 1.20
N SER A 1342 9.90 -18.22 0.77
CA SER A 1342 10.63 -17.05 1.23
C SER A 1342 9.92 -15.77 0.83
N TYR A 1343 9.95 -14.79 1.75
CA TYR A 1343 9.42 -13.48 1.42
C TYR A 1343 10.31 -12.73 0.44
N GLU A 1344 11.54 -13.17 0.23
CA GLU A 1344 12.39 -12.48 -0.74
C GLU A 1344 11.80 -12.54 -2.14
N ARG A 1345 11.14 -13.65 -2.49
CA ARG A 1345 10.57 -13.79 -3.82
C ARG A 1345 9.52 -12.72 -4.11
N MET A 1346 8.91 -12.16 -3.08
CA MET A 1346 7.88 -11.16 -3.25
C MET A 1346 8.42 -9.76 -3.46
N LEU A 1347 9.74 -9.61 -3.52
CA LEU A 1347 10.32 -8.31 -3.87
C LEU A 1347 10.13 -7.97 -5.34
N ILE A 1348 9.78 -8.94 -6.17
CA ILE A 1348 9.55 -8.68 -7.58
C ILE A 1348 8.30 -7.82 -7.78
N LEU A 1349 7.38 -7.82 -6.82
CA LEU A 1349 6.21 -6.97 -6.92
C LEU A 1349 6.56 -5.55 -6.48
N PHE A 1350 5.53 -4.77 -6.24
CA PHE A 1350 5.65 -3.42 -5.72
C PHE A 1350 4.74 -3.30 -4.51
N PRO A 1351 4.98 -2.33 -3.62
CA PRO A 1351 4.05 -2.14 -2.51
C PRO A 1351 2.62 -1.91 -2.97
N ASP A 1352 2.43 -1.05 -3.97
CA ASP A 1352 1.09 -0.68 -4.38
C ASP A 1352 0.39 -1.77 -5.18
N GLU A 1353 1.14 -2.72 -5.73
CA GLU A 1353 0.56 -3.74 -6.60
C GLU A 1353 0.17 -5.01 -5.88
N LEU A 1354 0.80 -5.33 -4.76
CA LEU A 1354 0.40 -6.52 -4.03
C LEU A 1354 -0.57 -6.21 -2.91
N VAL A 1355 -0.90 -4.94 -2.69
CA VAL A 1355 -2.08 -4.63 -1.89
C VAL A 1355 -3.33 -5.17 -2.58
N ASP A 1356 -3.44 -4.95 -3.89
CA ASP A 1356 -4.61 -5.35 -4.65
C ASP A 1356 -4.77 -6.85 -4.74
N ILE A 1357 -3.69 -7.61 -4.93
CA ILE A 1357 -3.81 -9.05 -5.06
C ILE A 1357 -4.36 -9.68 -3.79
N PHE A 1358 -4.29 -8.98 -2.67
CA PHE A 1358 -4.91 -9.40 -1.42
C PHE A 1358 -6.29 -8.77 -1.23
N GLY A 1359 -6.49 -7.56 -1.73
CA GLY A 1359 -7.79 -6.91 -1.67
C GLY A 1359 -8.65 -7.19 -2.88
N ARG A 1360 -8.75 -8.47 -3.26
CA ARG A 1360 -9.49 -8.92 -4.43
C ARG A 1360 -10.68 -9.74 -3.95
N VAL A 1361 -11.86 -9.13 -3.96
CA VAL A 1361 -13.09 -9.83 -3.62
C VAL A 1361 -14.22 -9.20 -4.42
N GLU A 1362 -15.12 -10.04 -4.94
CA GLU A 1362 -16.27 -9.57 -5.69
C GLU A 1362 -17.28 -8.94 -4.74
N GLU A 1363 -17.28 -7.61 -4.68
CA GLU A 1363 -18.18 -6.91 -3.78
C GLU A 1363 -19.62 -7.05 -4.26
N ASP A 1364 -20.55 -6.73 -3.36
CA ASP A 1364 -21.97 -6.82 -3.63
C ASP A 1364 -22.53 -5.43 -3.94
N TRP A 1365 -23.03 -5.24 -5.16
CA TRP A 1365 -23.67 -3.99 -5.55
C TRP A 1365 -25.09 -4.24 -6.01
N SER A 1366 -25.74 -5.25 -5.45
CA SER A 1366 -27.10 -5.57 -5.85
C SER A 1366 -28.06 -4.46 -5.46
N MET A 1367 -29.23 -4.45 -6.09
CA MET A 1367 -30.21 -3.40 -5.84
C MET A 1367 -30.69 -3.43 -4.40
N ALA A 1368 -30.93 -4.62 -3.86
CA ALA A 1368 -31.48 -4.73 -2.51
C ALA A 1368 -30.52 -4.14 -1.48
N THR A 1369 -29.23 -4.49 -1.57
CA THR A 1369 -28.26 -3.98 -0.61
C THR A 1369 -28.07 -2.48 -0.74
N LEU A 1370 -28.05 -1.97 -1.98
CA LEU A 1370 -27.95 -0.53 -2.18
C LEU A 1370 -29.15 0.19 -1.56
N TYR A 1371 -30.35 -0.36 -1.77
CA TYR A 1371 -31.55 0.25 -1.20
C TYR A 1371 -31.50 0.22 0.32
N THR A 1372 -31.11 -0.90 0.91
CA THR A 1372 -31.11 -1.01 2.36
C THR A 1372 -30.03 -0.17 3.01
N ASN A 1373 -29.06 0.30 2.22
CA ASN A 1373 -27.95 1.08 2.74
C ASN A 1373 -27.84 2.43 2.02
N LEU A 1374 -28.97 3.03 1.71
CA LEU A 1374 -29.03 4.36 1.12
C LEU A 1374 -29.94 5.24 1.95
N ASN A 1375 -29.59 6.53 2.01
CA ASN A 1375 -30.40 7.52 2.72
C ASN A 1375 -30.70 8.67 1.78
N ALA A 1376 -31.92 9.19 1.85
CA ALA A 1376 -32.36 10.29 0.99
C ALA A 1376 -33.27 11.20 1.81
N GLU A 1377 -32.81 12.42 2.08
CA GLU A 1377 -33.60 13.38 2.82
C GLU A 1377 -33.21 14.79 2.38
N HIS A 1378 -33.72 15.78 3.11
CA HIS A 1378 -33.47 17.20 2.81
C HIS A 1378 -33.88 17.55 1.38
N GLY A 1379 -35.00 17.01 0.94
CA GLY A 1379 -35.50 17.29 -0.39
C GLY A 1379 -35.90 16.05 -1.15
N TYR A 1380 -35.27 14.92 -0.83
CA TYR A 1380 -35.53 13.67 -1.51
C TYR A 1380 -36.27 12.70 -0.60
N THR A 1381 -36.93 11.73 -1.23
CA THR A 1381 -37.61 10.66 -0.55
C THR A 1381 -37.02 9.33 -1.00
N MET A 1382 -37.18 8.30 -0.17
CA MET A 1382 -36.53 7.03 -0.43
C MET A 1382 -37.07 6.36 -1.69
N ASP A 1383 -38.37 6.50 -1.96
CA ASP A 1383 -38.99 5.88 -3.13
C ASP A 1383 -39.15 6.88 -4.28
N SER A 1384 -38.29 7.88 -4.34
CA SER A 1384 -38.33 8.85 -5.42
C SER A 1384 -37.94 8.21 -6.74
N SER A 1385 -38.45 8.77 -7.84
CA SER A 1385 -38.10 8.27 -9.16
C SER A 1385 -36.62 8.48 -9.46
N ILE A 1386 -36.10 9.67 -9.14
CA ILE A 1386 -34.71 9.97 -9.43
C ILE A 1386 -33.79 9.10 -8.58
N ILE A 1387 -34.20 8.80 -7.34
CA ILE A 1387 -33.38 7.93 -6.50
C ILE A 1387 -33.32 6.52 -7.08
N HIS A 1388 -34.45 6.00 -7.55
CA HIS A 1388 -34.47 4.69 -8.19
C HIS A 1388 -33.62 4.70 -9.45
N ASP A 1389 -33.68 5.78 -10.23
CA ASP A 1389 -32.85 5.89 -11.42
C ASP A 1389 -31.37 5.94 -11.07
N PHE A 1390 -31.02 6.67 -10.01
CA PHE A 1390 -29.63 6.75 -9.57
C PHE A 1390 -29.11 5.39 -9.14
N ILE A 1391 -29.93 4.64 -8.39
CA ILE A 1391 -29.54 3.30 -7.98
C ILE A 1391 -29.38 2.39 -9.20
N SER A 1392 -30.29 2.50 -10.16
CA SER A 1392 -30.18 1.69 -11.37
C SER A 1392 -28.92 2.03 -12.15
N ILE A 1393 -28.58 3.32 -12.22
CA ILE A 1393 -27.35 3.72 -12.89
C ILE A 1393 -26.13 3.16 -12.18
N ILE A 1394 -26.10 3.27 -10.84
CA ILE A 1394 -24.92 2.85 -10.10
C ILE A 1394 -24.73 1.34 -10.17
N SER A 1395 -25.79 0.58 -9.90
CA SER A 1395 -25.63 -0.85 -9.69
C SER A 1395 -25.30 -1.62 -10.96
N ALA A 1396 -25.39 -0.99 -12.13
CA ALA A 1396 -25.05 -1.64 -13.38
C ALA A 1396 -23.66 -1.27 -13.88
N PHE A 1397 -22.89 -0.55 -13.08
CA PHE A 1397 -21.57 -0.11 -13.52
C PHE A 1397 -20.62 -1.30 -13.66
N GLY A 1398 -19.52 -1.06 -14.36
CA GLY A 1398 -18.53 -2.08 -14.63
C GLY A 1398 -17.55 -2.26 -13.49
N LYS A 1399 -16.28 -2.40 -13.83
CA LYS A 1399 -15.24 -2.53 -12.81
C LYS A 1399 -14.62 -1.18 -12.49
N HIS A 1400 -14.06 -0.51 -13.50
CA HIS A 1400 -13.36 0.73 -13.25
C HIS A 1400 -14.31 1.86 -12.91
N GLU A 1401 -15.55 1.79 -13.41
CA GLU A 1401 -16.54 2.82 -13.08
C GLU A 1401 -16.80 2.87 -11.58
N ARG A 1402 -16.97 1.70 -10.95
CA ARG A 1402 -17.22 1.67 -9.52
C ARG A 1402 -16.09 2.33 -8.76
N ARG A 1403 -14.85 1.99 -9.10
CA ARG A 1403 -13.71 2.53 -8.37
C ARG A 1403 -13.57 4.02 -8.57
N LEU A 1404 -13.77 4.50 -9.80
CA LEU A 1404 -13.69 5.93 -10.05
C LEU A 1404 -14.75 6.69 -9.27
N PHE A 1405 -15.98 6.18 -9.27
CA PHE A 1405 -17.06 6.85 -8.54
C PHE A 1405 -16.81 6.83 -7.04
N LEU A 1406 -16.30 5.71 -6.51
CA LEU A 1406 -16.01 5.63 -5.09
C LEU A 1406 -14.90 6.60 -4.70
N GLN A 1407 -13.86 6.72 -5.53
CA GLN A 1407 -12.81 7.70 -5.26
C GLN A 1407 -13.37 9.11 -5.29
N PHE A 1408 -14.28 9.39 -6.25
CA PHE A 1408 -14.92 10.69 -6.29
C PHE A 1408 -15.73 10.95 -5.03
N LEU A 1409 -16.43 9.94 -4.53
CA LEU A 1409 -17.30 10.13 -3.37
C LEU A 1409 -16.50 10.30 -2.09
N THR A 1410 -15.73 9.28 -1.71
CA THR A 1410 -15.09 9.25 -0.40
C THR A 1410 -13.62 9.63 -0.42
N GLY A 1411 -12.90 9.34 -1.51
CA GLY A 1411 -11.47 9.49 -1.56
C GLY A 1411 -10.71 8.18 -1.47
N SER A 1412 -11.37 7.09 -1.14
CA SER A 1412 -10.76 5.77 -1.13
C SER A 1412 -11.01 5.04 -2.45
N PRO A 1413 -10.03 4.27 -2.92
CA PRO A 1413 -10.24 3.52 -4.17
C PRO A 1413 -11.39 2.54 -4.10
N LYS A 1414 -11.67 1.99 -2.92
CA LYS A 1414 -12.75 1.04 -2.77
C LYS A 1414 -13.33 1.18 -1.36
N LEU A 1415 -14.56 0.72 -1.22
CA LEU A 1415 -15.26 0.87 0.06
C LEU A 1415 -14.74 -0.14 1.08
N PRO A 1416 -14.87 0.17 2.37
CA PRO A 1416 -14.36 -0.73 3.40
C PRO A 1416 -14.99 -2.11 3.38
N ILE A 1417 -14.41 -3.02 4.18
CA ILE A 1417 -14.79 -4.42 4.14
C ILE A 1417 -16.20 -4.60 4.70
N GLY A 1418 -17.02 -5.35 3.97
CA GLY A 1418 -18.40 -5.61 4.35
C GLY A 1418 -19.43 -4.99 3.44
N GLY A 1419 -19.02 -4.25 2.42
CA GLY A 1419 -19.95 -3.62 1.51
C GLY A 1419 -20.28 -2.21 1.92
N PHE A 1420 -21.34 -1.68 1.30
CA PHE A 1420 -21.79 -0.32 1.61
C PHE A 1420 -22.23 -0.19 3.05
N LYS A 1421 -22.75 -1.26 3.65
CA LYS A 1421 -23.24 -1.19 5.02
C LYS A 1421 -22.14 -0.82 5.99
N SER A 1422 -20.88 -1.16 5.69
CA SER A 1422 -19.78 -0.82 6.57
C SER A 1422 -19.39 0.64 6.48
N LEU A 1423 -19.83 1.37 5.46
CA LEU A 1423 -19.60 2.80 5.41
C LEU A 1423 -20.37 3.43 6.55
N ASN A 1424 -19.69 3.66 7.67
CA ASN A 1424 -20.35 4.04 8.92
C ASN A 1424 -21.17 5.31 8.77
N PRO A 1425 -20.69 6.34 8.06
CA PRO A 1425 -21.55 7.50 7.82
C PRO A 1425 -22.75 7.22 6.93
N LYS A 1426 -22.95 5.96 6.51
CA LYS A 1426 -24.22 5.53 5.94
C LYS A 1426 -24.62 6.35 4.72
N PHE A 1427 -23.94 6.11 3.59
CA PHE A 1427 -24.04 6.93 2.37
C PHE A 1427 -25.43 7.48 2.11
N THR A 1428 -25.50 8.80 1.91
CA THR A 1428 -26.75 9.54 1.84
C THR A 1428 -26.77 10.39 0.58
N VAL A 1429 -27.93 10.44 -0.07
CA VAL A 1429 -28.16 11.31 -1.22
C VAL A 1429 -29.07 12.45 -0.77
N VAL A 1430 -28.61 13.68 -0.96
CA VAL A 1430 -29.36 14.87 -0.59
C VAL A 1430 -29.72 15.61 -1.87
N LEU A 1431 -30.97 16.04 -1.97
CA LEU A 1431 -31.44 16.74 -3.15
C LEU A 1431 -30.76 18.10 -3.25
N LYS A 1432 -29.84 18.23 -4.20
CA LYS A 1432 -29.16 19.50 -4.45
C LYS A 1432 -30.17 20.45 -5.06
N HIS A 1433 -30.63 21.41 -4.26
CA HIS A 1433 -31.66 22.32 -4.71
C HIS A 1433 -31.17 23.17 -5.87
N ALA A 1434 -32.11 23.59 -6.72
CA ALA A 1434 -31.80 24.41 -7.89
C ALA A 1434 -31.99 25.87 -7.52
N GLU A 1435 -30.89 26.62 -7.54
CA GLU A 1435 -30.94 28.05 -7.26
C GLU A 1435 -30.28 28.85 -8.36
N ASP A 1436 -30.06 30.15 -8.10
CA ASP A 1436 -29.32 31.05 -8.97
C ASP A 1436 -30.00 31.28 -10.31
N GLY A 1437 -31.31 31.01 -10.39
CA GLY A 1437 -32.07 31.35 -11.57
C GLY A 1437 -31.76 30.55 -12.82
N LEU A 1438 -31.16 29.38 -12.68
CA LEU A 1438 -30.82 28.53 -13.81
C LEU A 1438 -31.27 27.11 -13.55
N THR A 1439 -31.49 26.37 -14.64
CA THR A 1439 -32.03 25.02 -14.55
C THR A 1439 -31.01 24.07 -13.90
N ALA A 1440 -31.55 23.00 -13.31
CA ALA A 1440 -30.69 22.02 -12.63
C ALA A 1440 -29.91 21.16 -13.61
N ASP A 1441 -30.34 21.10 -14.87
CA ASP A 1441 -29.65 20.26 -15.85
C ASP A 1441 -28.23 20.73 -16.10
N GLU A 1442 -28.02 22.05 -16.20
CA GLU A 1442 -26.68 22.57 -16.41
C GLU A 1442 -25.82 22.50 -15.16
N TYR A 1443 -26.42 22.43 -13.98
CA TYR A 1443 -25.63 22.35 -12.76
C TYR A 1443 -24.91 21.01 -12.67
N LEU A 1444 -23.65 21.06 -12.27
CA LEU A 1444 -22.85 19.86 -12.07
C LEU A 1444 -22.86 19.48 -10.60
N PRO A 1445 -23.12 18.22 -10.26
CA PRO A 1445 -23.18 17.84 -8.84
C PRO A 1445 -21.86 18.09 -8.14
N SER A 1446 -21.95 18.58 -6.90
CA SER A 1446 -20.79 18.84 -6.06
C SER A 1446 -20.79 17.86 -4.90
N VAL A 1447 -19.60 17.43 -4.49
CA VAL A 1447 -19.49 16.43 -3.44
C VAL A 1447 -19.91 17.04 -2.11
N MET A 1448 -19.13 18.01 -1.64
CA MET A 1448 -19.28 18.68 -0.35
C MET A 1448 -19.50 17.67 0.77
N THR A 1449 -19.03 16.44 0.62
CA THR A 1449 -19.31 15.39 1.58
C THR A 1449 -18.68 15.72 2.93
N CYS A 1450 -19.53 16.00 3.92
CA CYS A 1450 -19.07 16.09 5.29
C CYS A 1450 -18.76 14.68 5.77
N ALA A 1451 -19.77 13.81 5.79
CA ALA A 1451 -19.57 12.41 6.14
C ALA A 1451 -19.86 11.46 4.97
N ASN A 1452 -21.09 11.47 4.44
CA ASN A 1452 -21.42 10.59 3.33
C ASN A 1452 -22.41 11.25 2.38
N TYR A 1453 -22.41 12.57 2.31
CA TYR A 1453 -23.43 13.31 1.57
C TYR A 1453 -23.06 13.43 0.10
N LEU A 1454 -24.09 13.37 -0.76
CA LEU A 1454 -23.93 13.50 -2.20
C LEU A 1454 -25.03 14.45 -2.71
N LYS A 1455 -24.64 15.68 -3.05
CA LYS A 1455 -25.59 16.69 -3.49
C LYS A 1455 -26.03 16.35 -4.91
N LEU A 1456 -27.22 15.79 -5.05
CA LEU A 1456 -27.72 15.36 -6.35
C LEU A 1456 -28.80 16.31 -6.83
N PRO A 1457 -28.57 17.06 -7.90
CA PRO A 1457 -29.60 17.98 -8.39
C PRO A 1457 -30.82 17.23 -8.91
N LYS A 1458 -31.98 17.90 -8.78
CA LYS A 1458 -33.24 17.36 -9.31
C LYS A 1458 -33.26 17.57 -10.82
N TYR A 1459 -32.52 16.72 -11.52
CA TYR A 1459 -32.43 16.83 -12.98
C TYR A 1459 -33.78 16.56 -13.61
N THR A 1460 -34.07 17.28 -14.71
CA THR A 1460 -35.34 17.11 -15.39
C THR A 1460 -35.46 15.75 -16.08
N SER A 1461 -34.35 15.04 -16.25
CA SER A 1461 -34.38 13.77 -16.95
C SER A 1461 -33.28 12.87 -16.40
N LYS A 1462 -33.46 11.56 -16.61
CA LYS A 1462 -32.49 10.58 -16.10
C LYS A 1462 -31.18 10.63 -16.86
N ASP A 1463 -31.26 10.70 -18.20
CA ASP A 1463 -30.05 10.60 -19.01
C ASP A 1463 -29.18 11.84 -18.88
N ILE A 1464 -29.78 13.03 -18.73
CA ILE A 1464 -28.99 14.21 -18.47
C ILE A 1464 -28.27 14.09 -17.14
N MET A 1465 -28.95 13.54 -16.13
CA MET A 1465 -28.31 13.30 -14.84
C MET A 1465 -27.14 12.35 -14.97
N ARG A 1466 -27.31 11.27 -15.73
CA ARG A 1466 -26.22 10.31 -15.92
C ARG A 1466 -25.06 10.96 -16.67
N SER A 1467 -25.36 11.80 -17.65
CA SER A 1467 -24.30 12.51 -18.36
C SER A 1467 -23.54 13.43 -17.43
N ARG A 1468 -24.25 14.16 -16.57
CA ARG A 1468 -23.58 15.03 -15.62
C ARG A 1468 -22.73 14.23 -14.65
N LEU A 1469 -23.22 13.08 -14.19
CA LEU A 1469 -22.45 12.23 -13.29
C LEU A 1469 -21.18 11.73 -13.95
N CYS A 1470 -21.29 11.21 -15.17
CA CYS A 1470 -20.13 10.71 -15.89
C CYS A 1470 -19.15 11.84 -16.19
N GLN A 1471 -19.66 13.05 -16.42
CA GLN A 1471 -18.78 14.20 -16.61
C GLN A 1471 -18.03 14.52 -15.32
N ALA A 1472 -18.76 14.58 -14.20
CA ALA A 1472 -18.16 15.04 -12.95
C ALA A 1472 -17.13 14.03 -12.43
N ILE A 1473 -17.42 12.73 -12.55
CA ILE A 1473 -16.50 11.75 -11.96
C ILE A 1473 -15.16 11.76 -12.67
N GLU A 1474 -15.15 11.98 -13.99
CA GLU A 1474 -13.88 11.97 -14.72
C GLU A 1474 -13.00 13.15 -14.30
N GLU A 1475 -13.58 14.32 -14.14
CA GLU A 1475 -12.83 15.44 -13.59
C GLU A 1475 -12.57 15.28 -12.09
N GLY A 1476 -13.18 14.28 -11.47
CA GLY A 1476 -12.82 13.88 -10.11
C GLY A 1476 -11.62 12.98 -10.03
N ALA A 1477 -10.98 12.69 -11.17
CA ALA A 1477 -9.78 11.89 -11.20
C ALA A 1477 -8.58 12.68 -10.70
N MET B 1 3.78 16.13 32.06
CA MET B 1 3.45 17.02 30.95
C MET B 1 2.85 16.23 29.78
N SER B 2 2.23 15.09 30.08
CA SER B 2 1.71 14.20 29.04
C SER B 2 0.37 14.69 28.52
N SER B 3 -0.27 13.85 27.70
CA SER B 3 -1.59 14.18 27.17
C SER B 3 -2.60 14.37 28.29
N SER B 4 -2.57 13.47 29.29
CA SER B 4 -3.39 13.68 30.47
C SER B 4 -3.00 14.98 31.17
N LYS B 5 -1.70 15.23 31.28
CA LYS B 5 -1.27 16.52 31.79
C LYS B 5 -1.53 17.67 30.81
N ARG B 6 -1.64 17.38 29.51
CA ARG B 6 -2.11 18.41 28.59
C ARG B 6 -3.54 18.84 28.94
N ILE B 7 -4.41 17.86 29.20
CA ILE B 7 -5.78 18.18 29.63
C ILE B 7 -5.75 18.90 30.97
N ALA B 8 -4.87 18.47 31.87
CA ALA B 8 -4.78 19.12 33.18
C ALA B 8 -4.33 20.57 33.06
N LYS B 9 -3.37 20.83 32.17
CA LYS B 9 -2.91 22.20 31.97
C LYS B 9 -4.00 23.05 31.34
N GLU B 10 -4.76 22.47 30.40
CA GLU B 10 -5.90 23.19 29.85
C GLU B 10 -6.91 23.54 30.94
N LEU B 11 -7.16 22.58 31.84
CA LEU B 11 -8.08 22.81 32.95
C LEU B 11 -7.56 23.92 33.86
N SER B 12 -6.26 23.92 34.12
CA SER B 12 -5.68 24.99 34.94
C SER B 12 -5.81 26.34 34.25
N ASP B 13 -5.60 26.38 32.93
CA ASP B 13 -5.80 27.62 32.18
C ASP B 13 -7.22 28.11 32.33
N LEU B 14 -8.19 27.23 32.20
CA LEU B 14 -9.59 27.63 32.35
C LEU B 14 -9.86 28.12 33.77
N GLU B 15 -9.31 27.42 34.77
CA GLU B 15 -9.60 27.77 36.16
C GLU B 15 -9.05 29.14 36.51
N ARG B 16 -7.77 29.39 36.21
CA ARG B 16 -7.18 30.65 36.63
C ARG B 16 -7.61 31.83 35.76
N ASP B 17 -8.06 31.59 34.53
CA ASP B 17 -8.55 32.64 33.65
C ASP B 17 -9.90 32.19 33.09
N PRO B 18 -10.98 32.32 33.85
CA PRO B 18 -12.28 31.90 33.36
C PRO B 18 -12.72 32.75 32.18
N PRO B 19 -13.43 32.17 31.23
CA PRO B 19 -13.95 32.96 30.10
C PRO B 19 -15.04 33.92 30.57
N THR B 20 -15.21 34.99 29.81
CA THR B 20 -16.16 36.03 30.18
C THR B 20 -17.59 35.49 30.23
N SER B 21 -17.99 34.74 29.23
CA SER B 21 -19.35 34.24 29.17
C SER B 21 -19.44 32.74 28.92
N SER B 22 -18.55 32.20 28.11
CA SER B 22 -18.64 30.79 27.68
C SER B 22 -17.79 29.95 28.63
N SER B 23 -18.39 29.51 29.73
CA SER B 23 -17.72 28.69 30.72
C SER B 23 -17.77 27.22 30.32
N ALA B 24 -16.84 26.45 30.87
CA ALA B 24 -16.73 25.03 30.55
C ALA B 24 -15.91 24.35 31.63
N GLY B 25 -15.92 23.02 31.61
CA GLY B 25 -15.18 22.23 32.57
C GLY B 25 -15.36 20.75 32.33
N PRO B 26 -14.67 19.93 33.11
CA PRO B 26 -14.79 18.49 32.96
C PRO B 26 -16.07 17.98 33.60
N VAL B 27 -16.27 16.67 33.53
CA VAL B 27 -17.43 16.00 34.13
C VAL B 27 -16.91 14.92 35.06
N GLY B 28 -17.26 15.03 36.33
CA GLY B 28 -16.89 14.01 37.31
C GLY B 28 -15.39 13.94 37.53
N ASP B 29 -14.98 12.79 38.06
CA ASP B 29 -13.56 12.55 38.30
C ASP B 29 -12.81 12.27 37.02
N ASP B 30 -13.49 11.70 36.01
CA ASP B 30 -12.84 11.39 34.75
C ASP B 30 -12.41 12.68 34.06
N LEU B 31 -11.21 12.65 33.47
CA LEU B 31 -10.65 13.84 32.86
C LEU B 31 -11.05 14.00 31.40
N TYR B 32 -11.43 12.91 30.73
CA TYR B 32 -11.68 12.97 29.29
C TYR B 32 -12.97 13.71 28.98
N HIS B 33 -14.10 13.18 29.44
CA HIS B 33 -15.39 13.80 29.16
C HIS B 33 -15.49 15.13 29.88
N TRP B 34 -16.06 16.13 29.20
CA TRP B 34 -16.15 17.48 29.72
C TRP B 34 -17.57 18.01 29.57
N GLN B 35 -17.77 19.25 30.01
CA GLN B 35 -19.02 19.97 29.84
C GLN B 35 -18.70 21.43 29.52
N ALA B 36 -19.44 21.99 28.58
CA ALA B 36 -19.27 23.39 28.18
C ALA B 36 -20.60 24.11 28.25
N SER B 37 -20.58 25.33 28.80
CA SER B 37 -21.77 26.17 28.90
C SER B 37 -21.46 27.47 28.16
N ILE B 38 -21.81 27.50 26.89
CA ILE B 38 -21.61 28.69 26.06
C ILE B 38 -22.92 29.47 25.99
N MET B 39 -22.81 30.79 25.87
CA MET B 39 -23.96 31.67 25.85
C MET B 39 -23.95 32.49 24.58
N GLY B 40 -25.08 32.51 23.88
CA GLY B 40 -25.21 33.30 22.68
C GLY B 40 -25.07 34.77 22.95
N PRO B 41 -24.46 35.51 22.03
CA PRO B 41 -24.28 36.95 22.24
C PRO B 41 -25.61 37.68 22.37
N ALA B 42 -25.62 38.74 23.18
CA ALA B 42 -26.85 39.48 23.42
C ALA B 42 -27.37 40.13 22.14
N ASP B 43 -26.46 40.69 21.33
CA ASP B 43 -26.86 41.27 20.05
C ASP B 43 -27.15 40.22 18.99
N SER B 44 -26.83 38.95 19.25
CA SER B 44 -27.06 37.89 18.30
C SER B 44 -28.51 37.45 18.30
N PRO B 45 -28.98 36.86 17.20
CA PRO B 45 -30.33 36.28 17.19
C PRO B 45 -30.50 35.14 18.18
N TYR B 46 -29.42 34.50 18.63
CA TYR B 46 -29.49 33.44 19.61
C TYR B 46 -29.30 33.94 21.04
N ALA B 47 -29.70 35.18 21.32
CA ALA B 47 -29.37 35.83 22.58
C ALA B 47 -30.06 35.15 23.76
N GLY B 48 -29.39 35.20 24.92
CA GLY B 48 -29.97 34.76 26.16
C GLY B 48 -30.09 33.26 26.34
N GLY B 49 -29.35 32.47 25.59
CA GLY B 49 -29.46 31.02 25.63
C GLY B 49 -28.24 30.39 26.28
N VAL B 50 -28.51 29.38 27.11
CA VAL B 50 -27.47 28.54 27.69
C VAL B 50 -27.48 27.20 26.96
N PHE B 51 -26.31 26.79 26.46
CA PHE B 51 -26.20 25.58 25.67
C PHE B 51 -25.19 24.64 26.29
N PHE B 52 -25.54 23.37 26.35
CA PHE B 52 -24.68 22.34 26.93
C PHE B 52 -24.03 21.52 25.83
N LEU B 53 -22.72 21.36 25.91
CA LEU B 53 -21.95 20.61 24.94
C LEU B 53 -21.27 19.44 25.64
N SER B 54 -21.33 18.27 25.01
CA SER B 54 -20.64 17.09 25.48
C SER B 54 -19.32 16.96 24.73
N ILE B 55 -18.21 17.23 25.41
CA ILE B 55 -16.88 17.21 24.82
C ILE B 55 -16.21 15.91 25.17
N HIS B 56 -15.72 15.21 24.16
CA HIS B 56 -15.08 13.90 24.33
C HIS B 56 -13.70 13.96 23.66
N PHE B 57 -12.65 14.03 24.47
CA PHE B 57 -11.31 14.11 23.93
C PHE B 57 -10.87 12.77 23.36
N PRO B 58 -10.07 12.79 22.29
CA PRO B 58 -9.51 11.55 21.76
C PRO B 58 -8.39 11.05 22.65
N THR B 59 -7.88 9.86 22.32
CA THR B 59 -6.77 9.31 23.09
C THR B 59 -5.53 10.18 23.05
N ASP B 60 -5.13 10.63 21.86
CA ASP B 60 -4.02 11.57 21.72
C ASP B 60 -4.55 12.99 21.68
N TYR B 61 -5.01 13.45 22.84
CA TYR B 61 -5.74 14.69 23.03
C TYR B 61 -5.11 15.90 22.35
N PRO B 62 -3.78 16.10 22.38
CA PRO B 62 -3.23 17.31 21.75
C PRO B 62 -3.01 17.19 20.25
N PHE B 63 -3.09 15.98 19.71
CA PHE B 63 -2.80 15.81 18.29
C PHE B 63 -4.06 15.74 17.44
N LYS B 64 -4.96 14.81 17.73
CA LYS B 64 -6.20 14.77 16.99
C LYS B 64 -7.26 15.62 17.67
N PRO B 65 -8.15 16.25 16.91
CA PRO B 65 -9.04 17.24 17.50
C PRO B 65 -10.05 16.58 18.43
N PRO B 66 -10.60 17.32 19.39
CA PRO B 66 -11.60 16.75 20.28
C PRO B 66 -12.97 16.66 19.62
N LYS B 67 -13.83 15.83 20.21
CA LYS B 67 -15.20 15.67 19.76
C LYS B 67 -16.10 16.63 20.51
N ILE B 68 -16.70 17.57 19.78
CA ILE B 68 -17.64 18.53 20.36
C ILE B 68 -19.02 18.19 19.86
N SER B 69 -19.94 17.94 20.78
CA SER B 69 -21.31 17.56 20.44
C SER B 69 -22.29 18.40 21.23
N PHE B 70 -23.29 18.92 20.52
CA PHE B 70 -24.37 19.66 21.17
C PHE B 70 -25.36 18.70 21.80
N THR B 71 -25.75 19.00 23.04
CA THR B 71 -26.83 18.29 23.72
C THR B 71 -28.11 19.13 23.79
N THR B 72 -27.97 20.44 23.93
CA THR B 72 -29.10 21.35 23.87
C THR B 72 -29.47 21.54 22.41
N LYS B 73 -30.62 20.99 22.01
CA LYS B 73 -31.04 21.10 20.61
C LYS B 73 -31.21 22.56 20.22
N ILE B 74 -30.64 22.93 19.07
CA ILE B 74 -30.71 24.29 18.58
C ILE B 74 -30.99 24.25 17.08
N TYR B 75 -31.50 25.36 16.57
CA TYR B 75 -31.87 25.49 15.17
C TYR B 75 -30.84 26.38 14.50
N HIS B 76 -29.99 25.78 13.66
CA HIS B 76 -28.92 26.51 12.99
C HIS B 76 -28.54 25.74 11.74
N PRO B 77 -28.20 26.42 10.64
CA PRO B 77 -27.87 25.72 9.41
C PRO B 77 -26.67 24.80 9.52
N ASN B 78 -25.74 25.09 10.43
CA ASN B 78 -24.48 24.36 10.53
C ASN B 78 -24.45 23.40 11.72
N ILE B 79 -25.58 23.18 12.38
CA ILE B 79 -25.64 22.28 13.53
C ILE B 79 -26.71 21.23 13.26
N ASN B 80 -26.37 19.96 13.47
CA ASN B 80 -27.32 18.89 13.27
C ASN B 80 -27.97 18.51 14.60
N ALA B 81 -28.92 17.58 14.54
CA ALA B 81 -29.67 17.18 15.73
C ALA B 81 -28.82 16.41 16.72
N ASN B 82 -27.88 15.61 16.25
CA ASN B 82 -27.03 14.84 17.15
C ASN B 82 -25.92 15.66 17.75
N GLY B 83 -25.82 16.95 17.39
CA GLY B 83 -24.81 17.82 17.92
C GLY B 83 -23.54 17.91 17.10
N ASN B 84 -23.44 17.18 15.99
CA ASN B 84 -22.27 17.26 15.15
C ASN B 84 -22.17 18.65 14.54
N ILE B 85 -20.96 19.21 14.56
CA ILE B 85 -20.70 20.56 14.04
C ILE B 85 -19.69 20.45 12.90
N CYS B 86 -20.06 20.99 11.75
CA CYS B 86 -19.20 21.02 10.58
C CYS B 86 -18.47 22.37 10.58
N LEU B 87 -17.28 22.38 11.17
CA LEU B 87 -16.43 23.57 11.20
C LEU B 87 -15.06 23.20 10.67
N ASP B 88 -14.38 24.20 10.09
CA ASP B 88 -13.08 23.97 9.49
C ASP B 88 -12.03 23.62 10.55
N ILE B 89 -12.13 24.25 11.73
CA ILE B 89 -11.11 24.06 12.75
C ILE B 89 -11.03 22.59 13.17
N LEU B 90 -12.17 21.95 13.39
CA LEU B 90 -12.18 20.58 13.87
C LEU B 90 -11.79 19.57 12.80
N LYS B 91 -11.60 19.99 11.55
CA LYS B 91 -11.31 19.04 10.48
C LYS B 91 -9.92 19.24 9.87
N ASP B 92 -9.60 20.42 9.37
CA ASP B 92 -8.37 20.61 8.61
C ASP B 92 -7.45 21.70 9.13
N GLN B 93 -7.99 22.79 9.67
CA GLN B 93 -7.17 23.84 10.26
C GLN B 93 -6.66 23.47 11.64
N TRP B 94 -6.78 22.20 12.02
CA TRP B 94 -6.46 21.75 13.36
C TRP B 94 -4.95 21.75 13.56
N SER B 95 -4.50 22.35 14.65
CA SER B 95 -3.13 22.27 15.09
C SER B 95 -3.10 21.94 16.58
N PRO B 96 -2.07 21.24 17.04
CA PRO B 96 -1.92 21.05 18.49
C PRO B 96 -1.76 22.33 19.26
N ALA B 97 -1.52 23.46 18.58
CA ALA B 97 -1.48 24.75 19.25
C ALA B 97 -2.86 25.33 19.49
N LEU B 98 -3.91 24.68 19.01
CA LEU B 98 -5.28 25.17 19.16
C LEU B 98 -5.88 24.60 20.44
N THR B 99 -5.99 25.43 21.47
CA THR B 99 -6.55 25.02 22.74
C THR B 99 -8.07 25.07 22.71
N LEU B 100 -8.68 24.37 23.66
CA LEU B 100 -10.14 24.32 23.72
C LEU B 100 -10.73 25.70 23.96
N SER B 101 -10.01 26.56 24.67
CA SER B 101 -10.45 27.94 24.87
C SER B 101 -10.53 28.69 23.55
N LYS B 102 -9.92 28.17 22.48
CA LYS B 102 -10.07 28.76 21.17
C LYS B 102 -11.20 28.13 20.37
N VAL B 103 -11.40 26.81 20.49
CA VAL B 103 -12.47 26.17 19.74
C VAL B 103 -13.84 26.60 20.25
N LEU B 104 -13.98 26.79 21.57
CA LEU B 104 -15.26 27.27 22.06
C LEU B 104 -15.53 28.69 21.59
N LEU B 105 -14.50 29.53 21.52
CA LEU B 105 -14.68 30.86 20.96
C LEU B 105 -15.05 30.79 19.49
N SER B 106 -14.49 29.82 18.76
CA SER B 106 -14.85 29.64 17.37
C SER B 106 -16.34 29.29 17.24
N ILE B 107 -16.83 28.41 18.09
CA ILE B 107 -18.26 28.09 18.08
C ILE B 107 -19.08 29.31 18.45
N SER B 108 -18.58 30.12 19.40
CA SER B 108 -19.29 31.33 19.79
C SER B 108 -19.43 32.29 18.62
N SER B 109 -18.37 32.47 17.84
CA SER B 109 -18.46 33.31 16.66
C SER B 109 -19.30 32.68 15.55
N LEU B 110 -19.28 31.36 15.43
CA LEU B 110 -20.11 30.67 14.44
C LEU B 110 -21.59 30.89 14.72
N LEU B 111 -21.98 30.84 15.99
CA LEU B 111 -23.38 31.05 16.34
C LEU B 111 -23.84 32.47 16.04
N THR B 112 -22.91 33.40 15.83
CA THR B 112 -23.30 34.75 15.41
C THR B 112 -23.40 34.84 13.89
N ASP B 113 -22.29 34.59 13.20
CA ASP B 113 -22.27 34.58 11.74
C ASP B 113 -22.22 33.14 11.28
N ALA B 114 -23.32 32.66 10.70
CA ALA B 114 -23.42 31.27 10.29
C ALA B 114 -22.54 31.00 9.08
N ASN B 115 -22.60 29.78 8.58
CA ASN B 115 -21.81 29.34 7.44
C ASN B 115 -22.74 28.73 6.39
N PRO B 116 -23.51 29.58 5.69
CA PRO B 116 -24.44 29.05 4.69
C PRO B 116 -23.78 28.36 3.52
N ASP B 117 -22.57 28.79 3.14
CA ASP B 117 -21.88 28.20 2.00
C ASP B 117 -21.59 26.72 2.26
N ASP B 118 -21.37 26.35 3.51
CA ASP B 118 -21.12 24.97 3.92
C ASP B 118 -22.18 24.64 4.96
N PRO B 119 -23.39 24.30 4.53
CA PRO B 119 -24.44 23.95 5.48
C PRO B 119 -24.46 22.45 5.76
N LEU B 120 -24.98 22.12 6.94
CA LEU B 120 -25.20 20.72 7.30
C LEU B 120 -26.63 20.30 7.04
N VAL B 121 -27.58 21.16 7.38
CA VAL B 121 -28.99 21.00 7.06
C VAL B 121 -29.35 22.00 5.97
N PRO B 122 -29.65 21.56 4.75
CA PRO B 122 -29.68 22.51 3.62
C PRO B 122 -30.85 23.48 3.65
N GLU B 123 -32.02 23.06 4.12
CA GLU B 123 -33.21 23.90 3.99
C GLU B 123 -33.09 25.17 4.83
N ILE B 124 -32.41 25.09 5.98
CA ILE B 124 -32.18 26.29 6.77
C ILE B 124 -31.26 27.25 6.02
N ALA B 125 -30.26 26.69 5.32
CA ALA B 125 -29.42 27.54 4.47
C ALA B 125 -30.24 28.18 3.37
N HIS B 126 -31.20 27.44 2.80
CA HIS B 126 -32.08 27.99 1.78
C HIS B 126 -32.91 29.13 2.32
N ILE B 127 -33.41 28.98 3.56
CA ILE B 127 -34.18 30.05 4.19
C ILE B 127 -33.29 31.26 4.44
N TYR B 128 -32.07 31.02 4.95
CA TYR B 128 -31.17 32.13 5.26
C TYR B 128 -30.77 32.89 4.00
N LYS B 129 -30.54 32.17 2.90
CA LYS B 129 -30.17 32.80 1.65
C LYS B 129 -31.42 33.30 0.91
N ARG B 132 -35.54 38.40 6.11
CA ARG B 132 -35.57 39.03 7.43
C ARG B 132 -36.33 38.20 8.49
N PRO B 133 -37.55 37.74 8.19
CA PRO B 133 -38.23 36.86 9.14
C PRO B 133 -37.56 35.51 9.31
N LYS B 134 -36.60 35.21 8.43
CA LYS B 134 -35.79 34.00 8.58
C LYS B 134 -35.08 34.00 9.93
N TYR B 135 -34.57 35.15 10.37
CA TYR B 135 -33.90 35.24 11.66
C TYR B 135 -34.82 34.78 12.79
N GLU B 136 -36.02 35.35 12.85
CA GLU B 136 -36.95 35.02 13.92
C GLU B 136 -37.37 33.56 13.83
N ALA B 137 -37.85 33.13 12.66
CA ALA B 137 -38.33 31.77 12.49
C ALA B 137 -37.23 30.74 12.63
N THR B 138 -35.97 31.14 12.56
CA THR B 138 -34.86 30.22 12.78
C THR B 138 -34.48 30.15 14.25
N ALA B 139 -34.36 31.29 14.93
CA ALA B 139 -33.80 31.29 16.27
C ALA B 139 -34.88 31.33 17.35
N ARG B 140 -35.76 32.34 17.29
CA ARG B 140 -36.46 32.83 18.48
C ARG B 140 -37.22 31.73 19.20
N GLU B 141 -38.06 30.99 18.46
CA GLU B 141 -38.91 29.99 19.11
C GLU B 141 -38.07 28.88 19.74
N TRP B 142 -37.05 28.39 19.02
CA TRP B 142 -36.19 27.35 19.56
C TRP B 142 -35.43 27.85 20.78
N THR B 143 -34.96 29.09 20.72
CA THR B 143 -34.25 29.67 21.86
C THR B 143 -35.16 29.75 23.08
N LYS B 144 -36.42 30.13 22.87
CA LYS B 144 -37.33 30.31 24.00
C LYS B 144 -37.75 28.97 24.58
N LYS B 145 -38.00 27.97 23.75
CA LYS B 145 -38.52 26.71 24.26
C LYS B 145 -37.42 25.73 24.67
N TYR B 146 -36.19 25.92 24.21
CA TYR B 146 -35.09 25.03 24.57
C TYR B 146 -33.97 25.74 25.30
N ALA B 147 -33.45 26.84 24.75
CA ALA B 147 -32.28 27.49 25.33
C ALA B 147 -32.55 28.17 26.66
N VAL B 148 -33.80 28.29 27.06
CA VAL B 148 -34.13 28.90 28.34
C VAL B 148 -34.75 27.84 29.26
#